data_1YJ6
#
_entry.id   1YJ6
#
_cell.length_a   178.640
_cell.length_b   51.410
_cell.length_c   93.820
_cell.angle_alpha   90.00
_cell.angle_beta   122.47
_cell.angle_gamma   90.00
#
_symmetry.space_group_name_H-M   'C 1 2 1'
#
loop_
_entity.id
_entity.type
_entity.pdbx_description
1 polymer 'Glutathione S-transferase Mu 1'
2 non-polymer 'ZINC ION'
3 non-polymer GLUTATHIONE
4 water water
#
_entity_poly.entity_id   1
_entity_poly.type   'polypeptide(L)'
_entity_poly.pdbx_seq_one_letter_code
;MPMILGYWDIRGLAHAIRLLLEYTDSSYEEKKYTMGDAPDYDRSQWLNEKFKLGLDFPNLPYLIDGAHKITQSNAILCYI
ARKHNLCGETEEEKIRVDILENQTMDNHMQLGMICYNPEFEKLKPKYLEELPEKLKLYSEFLGKRPWFAGNKITFVDFLV
YDVLDLHRIFEPKCLDAFPNLKDFISRFEGLEKISAYMKSSRFLPRPVFSKMAVWGNK
;
_entity_poly.pdbx_strand_id   A,B,C
#
loop_
_chem_comp.id
_chem_comp.type
_chem_comp.name
_chem_comp.formula
GSH non-polymer GLUTATHIONE 'C10 H17 N3 O6 S'
ZN non-polymer 'ZINC ION' 'Zn 2'
#
# COMPACT_ATOMS: atom_id res chain seq x y z
N PRO A 2 6.77 -10.48 9.69
CA PRO A 2 5.71 -9.50 9.38
C PRO A 2 6.28 -8.23 8.75
N MET A 3 5.39 -7.34 8.36
CA MET A 3 5.78 -6.08 7.77
C MET A 3 6.57 -5.31 8.80
N ILE A 4 7.44 -4.43 8.34
CA ILE A 4 8.25 -3.62 9.25
C ILE A 4 8.33 -2.20 8.74
N LEU A 5 7.95 -1.27 9.60
CA LEU A 5 7.93 0.14 9.27
C LEU A 5 9.03 0.92 9.97
N GLY A 6 10.04 1.33 9.20
CA GLY A 6 11.13 2.10 9.77
C GLY A 6 10.82 3.59 9.78
N TYR A 7 11.17 4.25 10.88
CA TYR A 7 10.94 5.68 11.01
C TYR A 7 11.55 6.22 12.30
N TRP A 8 11.56 7.55 12.42
CA TRP A 8 12.09 8.19 13.61
C TRP A 8 11.12 7.86 14.74
N ASP A 9 11.58 8.01 15.97
CA ASP A 9 10.75 7.74 17.13
C ASP A 9 9.83 8.93 17.35
N ILE A 10 9.08 9.28 16.31
CA ILE A 10 8.15 10.41 16.36
C ILE A 10 6.95 10.20 15.47
N ARG A 11 6.01 11.13 15.53
CA ARG A 11 4.80 11.08 14.72
C ARG A 11 5.18 11.32 13.25
N GLY A 12 5.45 12.58 12.92
CA GLY A 12 5.86 12.91 11.57
C GLY A 12 4.97 12.41 10.45
N LEU A 13 5.61 11.80 9.44
CA LEU A 13 4.94 11.27 8.27
C LEU A 13 4.44 9.84 8.42
N ALA A 14 4.94 9.15 9.44
CA ALA A 14 4.55 7.77 9.69
C ALA A 14 3.18 7.67 10.33
N HIS A 15 2.64 8.80 10.77
CA HIS A 15 1.35 8.79 11.44
C HIS A 15 0.27 8.13 10.61
N ALA A 16 -0.09 8.75 9.50
CA ALA A 16 -1.15 8.21 8.64
C ALA A 16 -0.91 6.75 8.28
N ILE A 17 0.35 6.38 8.10
CA ILE A 17 0.70 5.01 7.78
C ILE A 17 0.29 4.08 8.92
N ARG A 18 0.76 4.43 10.11
CA ARG A 18 0.45 3.66 11.31
C ARG A 18 -1.06 3.50 11.42
N LEU A 19 -1.77 4.62 11.35
CA LEU A 19 -3.21 4.61 11.41
C LEU A 19 -3.78 3.66 10.37
N LEU A 20 -3.22 3.72 9.16
CA LEU A 20 -3.67 2.86 8.09
C LEU A 20 -3.41 1.40 8.38
N LEU A 21 -2.18 1.10 8.81
CA LEU A 21 -1.78 -0.26 9.13
C LEU A 21 -2.71 -0.87 10.17
N GLU A 22 -3.11 -0.06 11.14
CA GLU A 22 -4.00 -0.52 12.20
C GLU A 22 -5.41 -0.77 11.70
N TYR A 23 -5.93 0.16 10.91
CA TYR A 23 -7.28 0.05 10.35
C TYR A 23 -7.39 -1.19 9.45
N THR A 24 -6.31 -1.48 8.73
CA THR A 24 -6.27 -2.62 7.83
C THR A 24 -5.93 -3.91 8.57
N ASP A 25 -5.75 -3.79 9.88
CA ASP A 25 -5.43 -4.93 10.74
C ASP A 25 -4.20 -5.66 10.20
N SER A 26 -3.27 -4.89 9.64
CA SER A 26 -2.05 -5.45 9.10
C SER A 26 -1.13 -5.95 10.20
N SER A 27 -0.31 -6.94 9.87
CA SER A 27 0.64 -7.48 10.82
C SER A 27 1.94 -6.71 10.58
N TYR A 28 2.46 -6.03 11.61
CA TYR A 28 3.68 -5.26 11.44
C TYR A 28 4.48 -4.95 12.70
N GLU A 29 5.76 -4.66 12.50
CA GLU A 29 6.67 -4.29 13.56
C GLU A 29 7.05 -2.83 13.27
N GLU A 30 7.92 -2.26 14.09
CA GLU A 30 8.37 -0.88 13.91
C GLU A 30 9.84 -0.75 14.28
N LYS A 31 10.61 -0.10 13.41
CA LYS A 31 12.03 0.11 13.67
C LYS A 31 12.17 1.60 13.91
N LYS A 32 11.92 2.00 15.15
CA LYS A 32 12.02 3.40 15.54
C LYS A 32 13.49 3.79 15.68
N TYR A 33 13.86 4.90 15.07
CA TYR A 33 15.22 5.40 15.12
C TYR A 33 15.33 6.63 16.02
N THR A 34 16.24 6.57 16.98
CA THR A 34 16.43 7.67 17.90
C THR A 34 17.47 8.66 17.40
N MET A 35 17.09 9.94 17.42
CA MET A 35 17.97 11.01 16.99
C MET A 35 18.64 11.62 18.23
N GLY A 36 19.93 11.91 18.12
CA GLY A 36 20.67 12.47 19.25
C GLY A 36 20.26 13.89 19.59
N ASP A 37 20.53 14.29 20.84
CA ASP A 37 20.19 15.63 21.31
C ASP A 37 21.08 16.70 20.66
N ALA A 38 20.65 17.95 20.74
CA ALA A 38 21.41 19.06 20.20
C ALA A 38 22.75 19.16 20.94
N PRO A 39 23.72 19.89 20.36
CA PRO A 39 23.62 20.61 19.09
C PRO A 39 23.91 19.73 17.87
N ASP A 40 24.39 18.52 18.13
CA ASP A 40 24.74 17.57 17.08
C ASP A 40 23.58 16.93 16.32
N TYR A 41 22.54 16.54 17.04
CA TYR A 41 21.39 15.89 16.42
C TYR A 41 21.88 14.66 15.66
N ASP A 42 22.72 13.88 16.32
CA ASP A 42 23.33 12.68 15.76
C ASP A 42 22.29 11.74 15.16
N ARG A 43 22.48 11.44 13.87
CA ARG A 43 21.58 10.57 13.14
C ARG A 43 22.30 9.30 12.68
N SER A 44 23.36 8.92 13.38
CA SER A 44 24.12 7.72 13.03
C SER A 44 23.37 6.42 13.17
N GLN A 45 22.45 6.37 14.13
CA GLN A 45 21.66 5.16 14.36
C GLN A 45 20.98 4.72 13.07
N TRP A 46 20.59 5.69 12.25
CA TRP A 46 19.94 5.45 10.96
C TRP A 46 20.97 5.35 9.84
N LEU A 47 21.91 6.28 9.82
CA LEU A 47 22.94 6.31 8.78
C LEU A 47 23.82 5.08 8.73
N ASN A 48 23.94 4.40 9.86
CA ASN A 48 24.74 3.18 9.94
C ASN A 48 23.92 1.97 9.49
N GLU A 49 22.84 2.23 8.75
CA GLU A 49 21.94 1.17 8.30
C GLU A 49 21.17 1.62 7.06
N LYS A 50 21.28 2.90 6.75
CA LYS A 50 20.57 3.50 5.63
C LYS A 50 20.74 2.77 4.30
N PHE A 51 21.97 2.40 3.98
CA PHE A 51 22.25 1.74 2.72
C PHE A 51 22.34 0.22 2.77
N LYS A 52 22.05 -0.38 3.93
CA LYS A 52 22.11 -1.83 4.06
C LYS A 52 20.76 -2.53 3.97
N LEU A 53 19.69 -1.75 3.98
CA LEU A 53 18.35 -2.31 3.92
C LEU A 53 17.89 -2.72 2.54
N GLY A 54 18.70 -2.41 1.53
CA GLY A 54 18.33 -2.77 0.17
C GLY A 54 17.22 -1.91 -0.40
N LEU A 55 17.05 -0.71 0.15
CA LEU A 55 16.03 0.20 -0.35
C LEU A 55 16.58 0.86 -1.61
N ASP A 56 15.70 1.10 -2.57
CA ASP A 56 16.14 1.73 -3.83
C ASP A 56 16.58 3.17 -3.61
N PHE A 57 15.75 3.94 -2.92
CA PHE A 57 16.07 5.33 -2.60
C PHE A 57 15.97 5.46 -1.08
N PRO A 58 17.03 5.01 -0.37
CA PRO A 58 17.10 5.04 1.09
C PRO A 58 16.52 6.30 1.69
N ASN A 59 15.50 6.11 2.53
CA ASN A 59 14.82 7.23 3.17
C ASN A 59 13.89 6.75 4.28
N LEU A 60 13.38 7.70 5.05
CA LEU A 60 12.45 7.45 6.15
C LEU A 60 11.19 8.25 5.87
N PRO A 61 10.02 7.63 5.98
CA PRO A 61 9.79 6.24 6.36
C PRO A 61 10.04 5.24 5.24
N TYR A 62 10.16 3.99 5.64
CA TYR A 62 10.35 2.91 4.71
C TYR A 62 9.51 1.74 5.22
N LEU A 63 9.12 0.86 4.31
CA LEU A 63 8.33 -0.31 4.67
C LEU A 63 8.91 -1.55 4.02
N ILE A 64 9.08 -2.59 4.81
CA ILE A 64 9.60 -3.83 4.30
C ILE A 64 8.59 -4.96 4.44
N ASP A 65 8.06 -5.38 3.31
CA ASP A 65 7.08 -6.46 3.28
C ASP A 65 7.69 -7.60 2.48
N GLY A 66 8.44 -8.45 3.17
CA GLY A 66 9.06 -9.58 2.51
C GLY A 66 10.14 -9.13 1.54
N ALA A 67 9.88 -9.29 0.26
CA ALA A 67 10.83 -8.89 -0.78
C ALA A 67 10.59 -7.46 -1.22
N HIS A 68 9.52 -6.85 -0.73
CA HIS A 68 9.20 -5.49 -1.10
C HIS A 68 9.73 -4.43 -0.13
N LYS A 69 10.72 -3.68 -0.58
CA LYS A 69 11.32 -2.61 0.20
C LYS A 69 10.80 -1.29 -0.38
N ILE A 70 10.00 -0.57 0.39
CA ILE A 70 9.43 0.68 -0.12
C ILE A 70 9.78 1.93 0.68
N THR A 71 9.85 3.06 -0.01
CA THR A 71 10.14 4.35 0.63
C THR A 71 9.14 5.35 0.06
N GLN A 72 9.12 6.55 0.63
CA GLN A 72 8.19 7.61 0.21
C GLN A 72 6.84 7.31 0.84
N SER A 73 6.46 8.12 1.82
CA SER A 73 5.20 7.93 2.53
C SER A 73 3.98 7.61 1.67
N ASN A 74 3.66 8.47 0.72
CA ASN A 74 2.50 8.24 -0.13
C ASN A 74 2.55 6.93 -0.90
N ALA A 75 3.76 6.45 -1.19
CA ALA A 75 3.95 5.20 -1.92
C ALA A 75 3.62 4.05 -0.99
N ILE A 76 4.12 4.14 0.23
CA ILE A 76 3.89 3.12 1.25
C ILE A 76 2.39 3.01 1.54
N LEU A 77 1.71 4.14 1.63
CA LEU A 77 0.27 4.16 1.87
C LEU A 77 -0.50 3.46 0.74
N CYS A 78 -0.20 3.80 -0.51
CA CYS A 78 -0.87 3.18 -1.64
C CYS A 78 -0.64 1.69 -1.64
N TYR A 79 0.58 1.29 -1.27
CA TYR A 79 0.94 -0.11 -1.21
C TYR A 79 0.01 -0.87 -0.29
N ILE A 80 -0.12 -0.36 0.93
CA ILE A 80 -0.98 -0.95 1.95
C ILE A 80 -2.44 -0.87 1.51
N ALA A 81 -2.85 0.30 1.02
CA ALA A 81 -4.22 0.52 0.58
C ALA A 81 -4.66 -0.44 -0.52
N ARG A 82 -3.78 -0.67 -1.50
CA ARG A 82 -4.10 -1.57 -2.61
C ARG A 82 -4.48 -2.97 -2.13
N LYS A 83 -3.81 -3.43 -1.08
CA LYS A 83 -4.07 -4.75 -0.52
C LYS A 83 -5.45 -4.82 0.13
N HIS A 84 -6.09 -3.67 0.35
CA HIS A 84 -7.40 -3.63 0.98
C HIS A 84 -8.42 -2.77 0.22
N ASN A 85 -8.15 -2.55 -1.06
CA ASN A 85 -9.03 -1.76 -1.94
C ASN A 85 -9.45 -0.44 -1.34
N LEU A 86 -8.45 0.34 -0.94
CA LEU A 86 -8.67 1.65 -0.35
C LEU A 86 -7.96 2.71 -1.17
N CYS A 87 -7.70 2.40 -2.43
CA CYS A 87 -7.03 3.34 -3.33
C CYS A 87 -8.00 4.02 -4.29
N GLY A 88 -9.28 3.65 -4.19
CA GLY A 88 -10.28 4.24 -5.08
C GLY A 88 -10.69 3.26 -6.16
N GLU A 89 -11.89 3.45 -6.69
CA GLU A 89 -12.42 2.57 -7.73
C GLU A 89 -12.94 3.34 -8.94
N THR A 90 -13.91 4.23 -8.73
CA THR A 90 -14.45 5.01 -9.84
C THR A 90 -13.39 5.99 -10.34
N GLU A 91 -13.66 6.61 -11.49
CA GLU A 91 -12.71 7.57 -12.05
C GLU A 91 -12.62 8.77 -11.12
N GLU A 92 -13.77 9.30 -10.73
CA GLU A 92 -13.79 10.45 -9.84
C GLU A 92 -13.13 10.17 -8.50
N GLU A 93 -13.24 8.94 -8.00
CA GLU A 93 -12.61 8.59 -6.73
C GLU A 93 -11.10 8.72 -6.86
N LYS A 94 -10.54 8.17 -7.92
CA LYS A 94 -9.11 8.22 -8.16
C LYS A 94 -8.56 9.63 -8.33
N ILE A 95 -9.36 10.49 -8.93
CA ILE A 95 -8.96 11.87 -9.15
C ILE A 95 -8.83 12.56 -7.79
N ARG A 96 -9.86 12.42 -6.97
CA ARG A 96 -9.87 13.03 -5.64
C ARG A 96 -8.73 12.48 -4.79
N VAL A 97 -8.47 11.19 -4.91
CA VAL A 97 -7.38 10.58 -4.15
C VAL A 97 -6.06 11.22 -4.58
N ASP A 98 -5.83 11.31 -5.89
CA ASP A 98 -4.60 11.89 -6.41
C ASP A 98 -4.41 13.33 -5.95
N ILE A 99 -5.44 14.15 -6.09
CA ILE A 99 -5.33 15.54 -5.69
C ILE A 99 -4.99 15.69 -4.20
N LEU A 100 -5.77 15.02 -3.34
CA LEU A 100 -5.54 15.10 -1.89
C LEU A 100 -4.19 14.53 -1.47
N GLU A 101 -3.85 13.38 -2.02
CA GLU A 101 -2.58 12.70 -1.74
C GLU A 101 -1.42 13.70 -1.71
N ASN A 102 -1.49 14.66 -2.64
CA ASN A 102 -0.47 15.68 -2.79
C ASN A 102 -0.78 16.97 -2.05
N GLN A 103 -2.06 17.34 -2.02
CA GLN A 103 -2.51 18.56 -1.34
C GLN A 103 -2.13 18.53 0.12
N THR A 104 -2.46 17.42 0.78
CA THR A 104 -2.15 17.25 2.18
C THR A 104 -0.65 17.33 2.38
N MET A 105 0.10 16.70 1.49
CA MET A 105 1.56 16.72 1.57
C MET A 105 2.06 18.15 1.57
N ASP A 106 1.43 18.99 0.75
CA ASP A 106 1.80 20.39 0.65
C ASP A 106 1.50 21.11 1.96
N ASN A 107 0.25 21.04 2.40
CA ASN A 107 -0.18 21.67 3.63
C ASN A 107 0.66 21.21 4.81
N HIS A 108 1.05 19.93 4.80
CA HIS A 108 1.85 19.38 5.86
C HIS A 108 3.21 20.06 5.87
N MET A 109 3.81 20.23 4.70
CA MET A 109 5.11 20.88 4.66
C MET A 109 5.05 22.35 5.02
N GLN A 110 3.98 23.01 4.61
CA GLN A 110 3.80 24.41 4.92
C GLN A 110 3.92 24.61 6.42
N LEU A 111 3.32 23.70 7.17
CA LEU A 111 3.34 23.72 8.63
C LEU A 111 4.74 23.41 9.10
N GLY A 112 5.26 22.26 8.67
CA GLY A 112 6.60 21.86 9.04
C GLY A 112 7.68 22.86 8.69
N MET A 113 7.47 23.66 7.65
CA MET A 113 8.46 24.66 7.24
C MET A 113 8.67 25.75 8.25
N ILE A 114 7.58 26.30 8.77
CA ILE A 114 7.67 27.35 9.77
C ILE A 114 8.02 26.80 11.14
N CYS A 115 7.59 25.57 11.41
CA CYS A 115 7.89 24.93 12.69
C CYS A 115 9.38 24.61 12.83
N TYR A 116 10.05 24.42 11.69
CA TYR A 116 11.47 24.12 11.69
C TYR A 116 12.28 25.40 11.54
N ASN A 117 11.60 26.48 11.18
CA ASN A 117 12.24 27.78 10.99
C ASN A 117 12.55 28.39 12.34
N PRO A 118 13.84 28.72 12.58
CA PRO A 118 14.28 29.32 13.84
C PRO A 118 13.45 30.55 14.23
N GLU A 119 12.99 31.29 13.24
CA GLU A 119 12.19 32.48 13.48
C GLU A 119 10.69 32.16 13.52
N PHE A 120 10.38 30.94 13.94
CA PHE A 120 9.00 30.45 14.05
C PHE A 120 8.01 31.45 14.66
N GLU A 121 8.39 32.05 15.78
CA GLU A 121 7.50 32.97 16.48
C GLU A 121 7.07 34.16 15.63
N LYS A 122 7.93 34.58 14.73
CA LYS A 122 7.65 35.71 13.86
C LYS A 122 6.68 35.38 12.73
N LEU A 123 6.90 34.23 12.10
CA LEU A 123 6.08 33.79 10.97
C LEU A 123 4.68 33.31 11.35
N LYS A 124 4.52 32.86 12.58
CA LYS A 124 3.24 32.35 13.08
C LYS A 124 2.00 33.22 12.82
N PRO A 125 2.08 34.54 13.04
CA PRO A 125 0.92 35.41 12.81
C PRO A 125 0.36 35.35 11.40
N LYS A 126 1.24 35.32 10.41
CA LYS A 126 0.83 35.26 9.02
C LYS A 126 0.23 33.89 8.68
N TYR A 127 0.92 32.83 9.10
CA TYR A 127 0.46 31.47 8.85
C TYR A 127 -0.96 31.26 9.38
N LEU A 128 -1.22 31.79 10.57
CA LEU A 128 -2.53 31.66 11.20
C LEU A 128 -3.58 32.45 10.43
N GLU A 129 -3.18 33.58 9.87
CA GLU A 129 -4.09 34.43 9.11
C GLU A 129 -4.60 33.72 7.85
N GLU A 130 -3.74 32.89 7.25
CA GLU A 130 -4.07 32.14 6.05
C GLU A 130 -4.72 30.78 6.28
N LEU A 131 -4.46 30.20 7.44
CA LEU A 131 -4.99 28.89 7.82
C LEU A 131 -6.49 28.68 7.62
N PRO A 132 -7.33 29.64 8.06
CA PRO A 132 -8.78 29.48 7.89
C PRO A 132 -9.17 29.16 6.46
N GLU A 133 -8.52 29.84 5.52
CA GLU A 133 -8.78 29.63 4.12
C GLU A 133 -8.42 28.21 3.72
N LYS A 134 -7.24 27.76 4.16
CA LYS A 134 -6.79 26.41 3.84
C LYS A 134 -7.82 25.38 4.33
N LEU A 135 -8.23 25.53 5.58
CA LEU A 135 -9.21 24.65 6.19
C LEU A 135 -10.52 24.68 5.44
N LYS A 136 -10.96 25.89 5.09
CA LYS A 136 -12.19 26.08 4.35
C LYS A 136 -12.17 25.23 3.08
N LEU A 137 -11.05 25.24 2.38
CA LEU A 137 -10.90 24.47 1.16
C LEU A 137 -11.24 22.99 1.35
N TYR A 138 -10.73 22.41 2.44
CA TYR A 138 -11.01 21.02 2.74
C TYR A 138 -12.49 20.83 3.00
N SER A 139 -13.08 21.78 3.73
CA SER A 139 -14.50 21.77 4.05
C SER A 139 -15.33 21.75 2.74
N GLU A 140 -15.06 22.73 1.88
CA GLU A 140 -15.74 22.84 0.59
C GLU A 140 -15.66 21.52 -0.17
N PHE A 141 -14.47 20.96 -0.19
CA PHE A 141 -14.19 19.72 -0.89
C PHE A 141 -14.99 18.54 -0.37
N LEU A 142 -14.94 18.32 0.94
CA LEU A 142 -15.65 17.22 1.58
C LEU A 142 -17.15 17.34 1.37
N GLY A 143 -17.69 18.50 1.74
CA GLY A 143 -19.11 18.73 1.60
C GLY A 143 -19.94 17.84 2.52
N LYS A 144 -20.99 17.23 1.96
CA LYS A 144 -21.85 16.34 2.74
C LYS A 144 -21.41 14.89 2.69
N ARG A 145 -20.26 14.65 2.05
CA ARG A 145 -19.73 13.30 1.94
C ARG A 145 -19.25 12.79 3.29
N PRO A 146 -19.34 11.48 3.51
CA PRO A 146 -18.89 10.90 4.77
C PRO A 146 -17.37 10.83 4.77
N TRP A 147 -16.80 10.59 3.59
CA TRP A 147 -15.36 10.50 3.39
C TRP A 147 -14.97 11.40 2.24
N PHE A 148 -13.68 11.65 2.10
CA PHE A 148 -13.18 12.52 1.03
C PHE A 148 -13.27 11.96 -0.38
N ALA A 149 -12.91 10.69 -0.55
CA ALA A 149 -12.99 10.09 -1.87
C ALA A 149 -14.44 10.04 -2.34
N GLY A 150 -15.35 9.76 -1.41
CA GLY A 150 -16.75 9.68 -1.73
C GLY A 150 -17.48 8.99 -0.59
N ASN A 151 -18.20 7.93 -0.91
CA ASN A 151 -18.94 7.20 0.13
C ASN A 151 -18.05 6.18 0.83
N LYS A 152 -16.96 5.82 0.17
CA LYS A 152 -16.05 4.86 0.76
C LYS A 152 -14.78 5.52 1.28
N ILE A 153 -14.31 5.01 2.40
CA ILE A 153 -13.10 5.52 3.02
C ILE A 153 -11.91 5.05 2.18
N THR A 154 -10.92 5.93 2.07
CA THR A 154 -9.71 5.64 1.32
C THR A 154 -8.52 6.07 2.14
N PHE A 155 -7.31 5.73 1.70
CA PHE A 155 -6.12 6.10 2.44
C PHE A 155 -5.96 7.61 2.59
N VAL A 156 -6.53 8.38 1.68
CA VAL A 156 -6.41 9.83 1.78
C VAL A 156 -7.11 10.39 3.01
N ASP A 157 -8.10 9.66 3.51
CA ASP A 157 -8.82 10.09 4.70
C ASP A 157 -7.86 10.12 5.90
N PHE A 158 -6.85 9.25 5.85
CA PHE A 158 -5.85 9.19 6.89
C PHE A 158 -4.93 10.38 6.78
N LEU A 159 -4.59 10.75 5.55
CA LEU A 159 -3.72 11.89 5.29
C LEU A 159 -4.43 13.19 5.64
N VAL A 160 -5.70 13.30 5.27
CA VAL A 160 -6.46 14.49 5.59
C VAL A 160 -6.65 14.62 7.09
N TYR A 161 -6.99 13.52 7.75
CA TYR A 161 -7.19 13.54 9.19
C TYR A 161 -5.93 14.07 9.87
N ASP A 162 -4.79 13.42 9.59
CA ASP A 162 -3.51 13.79 10.16
C ASP A 162 -3.30 15.30 10.11
N VAL A 163 -3.49 15.87 8.94
CA VAL A 163 -3.32 17.30 8.74
C VAL A 163 -4.27 18.08 9.63
N LEU A 164 -5.55 17.76 9.56
CA LEU A 164 -6.54 18.45 10.38
C LEU A 164 -6.23 18.32 11.87
N ASP A 165 -5.88 17.11 12.31
CA ASP A 165 -5.53 16.90 13.70
C ASP A 165 -4.35 17.79 14.09
N LEU A 166 -3.26 17.71 13.33
CA LEU A 166 -2.09 18.53 13.61
C LEU A 166 -2.45 20.01 13.80
N HIS A 167 -3.50 20.45 13.11
CA HIS A 167 -3.92 21.83 13.22
C HIS A 167 -4.79 22.16 14.40
N ARG A 168 -5.62 21.22 14.86
CA ARG A 168 -6.45 21.49 16.04
C ARG A 168 -5.47 21.52 17.22
N ILE A 169 -4.34 20.84 17.05
CA ILE A 169 -3.29 20.78 18.06
C ILE A 169 -2.54 22.12 18.10
N PHE A 170 -2.32 22.69 16.92
CA PHE A 170 -1.61 23.95 16.78
C PHE A 170 -2.50 25.15 17.12
N GLU A 171 -3.74 25.13 16.63
CA GLU A 171 -4.72 26.17 16.88
C GLU A 171 -6.06 25.46 17.06
N PRO A 172 -6.37 25.09 18.31
CA PRO A 172 -7.58 24.39 18.73
C PRO A 172 -8.90 24.88 18.16
N LYS A 173 -9.07 26.20 18.12
CA LYS A 173 -10.30 26.78 17.60
C LYS A 173 -10.41 26.75 16.08
N CYS A 174 -9.32 26.45 15.40
CA CYS A 174 -9.28 26.44 13.94
C CYS A 174 -10.39 25.69 13.20
N LEU A 175 -10.90 24.62 13.81
CA LEU A 175 -11.95 23.82 13.19
C LEU A 175 -13.38 24.17 13.55
N ASP A 176 -13.56 25.01 14.57
CA ASP A 176 -14.91 25.39 15.03
C ASP A 176 -15.83 25.88 13.93
N ALA A 177 -15.29 26.62 12.97
CA ALA A 177 -16.08 27.17 11.88
C ALA A 177 -16.50 26.13 10.83
N PHE A 178 -15.95 24.93 10.90
CA PHE A 178 -16.26 23.88 9.94
C PHE A 178 -16.80 22.61 10.61
N PRO A 179 -18.10 22.60 10.90
CA PRO A 179 -18.75 21.45 11.55
C PRO A 179 -18.53 20.11 10.84
N ASN A 180 -18.64 20.11 9.51
CA ASN A 180 -18.46 18.87 8.74
C ASN A 180 -17.08 18.26 8.93
N LEU A 181 -16.08 19.10 9.13
CA LEU A 181 -14.71 18.62 9.34
C LEU A 181 -14.61 17.99 10.71
N LYS A 182 -15.28 18.59 11.69
CA LYS A 182 -15.28 18.07 13.03
C LYS A 182 -15.94 16.71 13.00
N ASP A 183 -17.05 16.60 12.28
CA ASP A 183 -17.77 15.34 12.15
C ASP A 183 -16.86 14.29 11.54
N PHE A 184 -16.00 14.74 10.62
CA PHE A 184 -15.07 13.85 9.97
C PHE A 184 -14.15 13.24 11.02
N ILE A 185 -13.58 14.09 11.85
CA ILE A 185 -12.67 13.65 12.92
C ILE A 185 -13.36 12.70 13.90
N SER A 186 -14.61 13.00 14.25
CA SER A 186 -15.36 12.16 15.16
C SER A 186 -15.55 10.80 14.48
N ARG A 187 -16.06 10.85 13.27
CA ARG A 187 -16.32 9.68 12.45
C ARG A 187 -15.06 8.85 12.27
N PHE A 188 -13.93 9.52 12.05
CA PHE A 188 -12.65 8.83 11.85
C PHE A 188 -12.15 8.20 13.16
N GLU A 189 -12.08 9.00 14.21
CA GLU A 189 -11.62 8.51 15.51
C GLU A 189 -12.66 7.55 16.08
N GLY A 190 -13.85 7.55 15.47
CA GLY A 190 -14.92 6.67 15.90
C GLY A 190 -14.80 5.26 15.33
N LEU A 191 -13.96 5.09 14.32
CA LEU A 191 -13.78 3.78 13.71
C LEU A 191 -13.24 2.83 14.78
N GLU A 192 -13.78 1.62 14.81
CA GLU A 192 -13.39 0.63 15.81
C GLU A 192 -11.90 0.46 16.02
N LYS A 193 -11.20 -0.04 15.00
CA LYS A 193 -9.76 -0.24 15.12
C LYS A 193 -8.96 1.03 15.36
N ILE A 194 -9.50 2.17 14.92
CA ILE A 194 -8.84 3.44 15.13
C ILE A 194 -8.93 3.83 16.61
N SER A 195 -10.13 3.68 17.18
CA SER A 195 -10.37 3.99 18.58
C SER A 195 -9.49 3.11 19.46
N ALA A 196 -9.60 1.80 19.26
CA ALA A 196 -8.83 0.81 20.01
C ALA A 196 -7.33 1.13 20.03
N TYR A 197 -6.78 1.42 18.85
CA TYR A 197 -5.37 1.76 18.72
C TYR A 197 -5.03 3.05 19.44
N MET A 198 -5.93 4.01 19.39
CA MET A 198 -5.67 5.29 20.05
C MET A 198 -5.59 5.12 21.56
N LYS A 199 -6.19 4.03 22.04
CA LYS A 199 -6.19 3.73 23.47
C LYS A 199 -5.09 2.75 23.85
N SER A 200 -4.42 2.17 22.85
CA SER A 200 -3.35 1.23 23.13
C SER A 200 -2.03 1.89 23.49
N SER A 201 -1.05 1.07 23.84
CA SER A 201 0.27 1.55 24.21
C SER A 201 1.08 1.94 22.99
N ARG A 202 0.62 1.47 21.84
CA ARG A 202 1.28 1.74 20.56
C ARG A 202 1.10 3.16 20.03
N PHE A 203 -0.02 3.79 20.39
CA PHE A 203 -0.34 5.14 19.97
C PHE A 203 0.76 6.17 20.25
N LEU A 204 1.30 6.78 19.21
CA LEU A 204 2.38 7.77 19.34
C LEU A 204 2.02 9.08 18.65
N PRO A 205 1.17 9.90 19.29
CA PRO A 205 0.75 11.18 18.71
C PRO A 205 1.80 12.32 18.78
N ARG A 206 2.80 12.15 19.64
CA ARG A 206 3.86 13.14 19.83
C ARG A 206 5.17 12.43 20.17
N PRO A 207 6.33 13.07 19.92
CA PRO A 207 6.50 14.40 19.33
C PRO A 207 5.97 14.47 17.91
N VAL A 208 5.38 15.61 17.57
CA VAL A 208 4.86 15.84 16.24
C VAL A 208 5.99 15.87 15.21
N PHE A 209 7.09 16.55 15.54
CA PHE A 209 8.26 16.66 14.66
C PHE A 209 9.53 16.13 15.35
N SER A 210 10.68 16.33 14.70
CA SER A 210 11.94 15.88 15.27
C SER A 210 12.46 16.87 16.30
N LYS A 211 13.61 16.54 16.88
CA LYS A 211 14.21 17.40 17.88
C LYS A 211 14.66 18.75 17.31
N MET A 212 14.93 18.79 16.01
CA MET A 212 15.39 20.03 15.35
C MET A 212 14.31 21.10 15.29
N ALA A 213 13.07 20.71 15.52
CA ALA A 213 11.96 21.65 15.44
C ALA A 213 11.90 22.69 16.54
N VAL A 214 11.29 23.83 16.22
CA VAL A 214 11.11 24.93 17.16
C VAL A 214 9.78 24.68 17.88
N TRP A 215 8.82 24.10 17.16
CA TRP A 215 7.50 23.78 17.73
C TRP A 215 7.20 22.28 17.56
N GLY A 216 6.53 21.70 18.55
CA GLY A 216 6.20 20.29 18.49
C GLY A 216 7.40 19.38 18.47
N ASN A 217 8.53 19.88 18.95
CA ASN A 217 9.76 19.09 18.98
C ASN A 217 9.77 18.07 20.11
N LYS A 218 8.87 18.25 21.06
CA LYS A 218 8.78 17.37 22.22
C LYS A 218 7.33 16.92 22.44
N PRO B 2 -11.27 21.83 -26.26
CA PRO B 2 -10.15 20.90 -25.93
C PRO B 2 -9.62 21.14 -24.52
N MET B 3 -8.72 20.27 -24.09
CA MET B 3 -8.10 20.38 -22.77
C MET B 3 -7.38 21.71 -22.66
N ILE B 4 -7.25 22.21 -21.44
CA ILE B 4 -6.57 23.47 -21.20
C ILE B 4 -5.66 23.36 -19.99
N LEU B 5 -4.39 23.70 -20.20
CA LEU B 5 -3.36 23.63 -19.18
C LEU B 5 -2.88 25.00 -18.73
N GLY B 6 -3.34 25.43 -17.56
CA GLY B 6 -2.93 26.71 -17.03
C GLY B 6 -1.64 26.59 -16.26
N TYR B 7 -0.78 27.60 -16.39
CA TYR B 7 0.50 27.61 -15.71
C TYR B 7 1.24 28.91 -16.01
N TRP B 8 2.37 29.11 -15.34
CA TRP B 8 3.18 30.29 -15.56
C TRP B 8 3.81 30.17 -16.93
N ASP B 9 4.27 31.28 -17.50
CA ASP B 9 4.92 31.26 -18.80
C ASP B 9 6.36 30.80 -18.62
N ILE B 10 6.51 29.63 -18.01
CA ILE B 10 7.83 29.03 -17.75
C ILE B 10 7.76 27.51 -17.82
N ARG B 11 8.92 26.86 -17.69
CA ARG B 11 9.02 25.41 -17.73
C ARG B 11 8.40 24.86 -16.43
N GLY B 12 9.14 25.00 -15.33
CA GLY B 12 8.67 24.55 -14.03
C GLY B 12 8.13 23.14 -13.95
N LEU B 13 6.94 23.01 -13.36
CA LEU B 13 6.30 21.72 -13.17
C LEU B 13 5.43 21.25 -14.33
N ALA B 14 5.12 22.17 -15.24
CA ALA B 14 4.30 21.86 -16.40
C ALA B 14 5.07 21.14 -17.49
N HIS B 15 6.39 21.17 -17.41
CA HIS B 15 7.22 20.52 -18.43
C HIS B 15 6.83 19.08 -18.71
N ALA B 16 6.95 18.21 -17.72
CA ALA B 16 6.61 16.81 -17.89
C ALA B 16 5.19 16.62 -18.37
N ILE B 17 4.29 17.49 -17.93
CA ILE B 17 2.89 17.43 -18.33
C ILE B 17 2.80 17.67 -19.84
N ARG B 18 3.38 18.78 -20.26
CA ARG B 18 3.42 19.15 -21.66
C ARG B 18 3.96 17.98 -22.46
N LEU B 19 5.12 17.47 -22.06
CA LEU B 19 5.74 16.34 -22.73
C LEU B 19 4.77 15.17 -22.81
N LEU B 20 4.05 14.92 -21.71
CA LEU B 20 3.09 13.83 -21.66
C LEU B 20 1.96 14.06 -22.61
N LEU B 21 1.39 15.26 -22.59
CA LEU B 21 0.29 15.61 -23.47
C LEU B 21 0.65 15.41 -24.96
N GLU B 22 1.86 15.80 -25.32
CA GLU B 22 2.31 15.67 -26.69
C GLU B 22 2.46 14.22 -27.10
N TYR B 23 3.10 13.42 -26.25
CA TYR B 23 3.31 12.01 -26.54
C TYR B 23 1.99 11.26 -26.64
N THR B 24 1.01 11.72 -25.87
CA THR B 24 -0.31 11.10 -25.89
C THR B 24 -1.15 11.65 -27.04
N ASP B 25 -0.57 12.59 -27.77
CA ASP B 25 -1.23 13.23 -28.91
C ASP B 25 -2.55 13.86 -28.50
N SER B 26 -2.59 14.31 -27.24
CA SER B 26 -3.77 14.94 -26.69
C SER B 26 -4.05 16.30 -27.32
N SER B 27 -5.33 16.64 -27.39
CA SER B 27 -5.77 17.91 -27.94
C SER B 27 -5.82 18.90 -26.77
N TYR B 28 -5.04 19.98 -26.86
CA TYR B 28 -5.01 20.94 -25.76
C TYR B 28 -4.56 22.35 -26.08
N GLU B 29 -4.91 23.27 -25.20
CA GLU B 29 -4.53 24.67 -25.29
C GLU B 29 -3.64 24.94 -24.07
N GLU B 30 -3.21 26.18 -23.91
CA GLU B 30 -2.38 26.57 -22.76
C GLU B 30 -2.74 27.96 -22.29
N LYS B 31 -2.97 28.10 -20.99
CA LYS B 31 -3.29 29.40 -20.42
C LYS B 31 -2.05 29.83 -19.66
N LYS B 32 -1.09 30.39 -20.37
CA LYS B 32 0.16 30.87 -19.79
C LYS B 32 -0.08 32.17 -19.02
N TYR B 33 0.38 32.23 -17.77
CA TYR B 33 0.23 33.41 -16.94
C TYR B 33 1.56 34.13 -16.79
N THR B 34 1.57 35.43 -17.09
CA THR B 34 2.77 36.23 -16.99
C THR B 34 2.93 36.86 -15.60
N MET B 35 4.12 36.72 -15.02
CA MET B 35 4.42 37.28 -13.71
C MET B 35 5.15 38.62 -13.93
N GLY B 36 4.82 39.62 -13.13
CA GLY B 36 5.46 40.93 -13.27
C GLY B 36 6.93 40.96 -12.85
N ASP B 37 7.67 41.93 -13.37
CA ASP B 37 9.08 42.08 -13.06
C ASP B 37 9.30 42.52 -11.61
N ALA B 38 10.53 42.39 -11.15
CA ALA B 38 10.90 42.79 -9.80
C ALA B 38 10.71 44.30 -9.65
N PRO B 39 10.60 44.81 -8.42
CA PRO B 39 10.65 44.06 -7.15
C PRO B 39 9.30 43.49 -6.70
N ASP B 40 8.25 43.89 -7.40
CA ASP B 40 6.89 43.46 -7.08
C ASP B 40 6.50 42.03 -7.43
N TYR B 41 6.95 41.55 -8.59
CA TYR B 41 6.62 40.20 -9.05
C TYR B 41 5.11 40.05 -9.02
N ASP B 42 4.44 41.04 -9.60
CA ASP B 42 2.99 41.08 -9.67
C ASP B 42 2.39 39.79 -10.24
N ARG B 43 1.56 39.15 -9.42
CA ARG B 43 0.93 37.90 -9.80
C ARG B 43 -0.57 38.08 -9.99
N SER B 44 -1.01 39.32 -10.24
CA SER B 44 -2.43 39.62 -10.42
C SER B 44 -3.11 38.93 -11.59
N GLN B 45 -2.38 38.70 -12.68
CA GLN B 45 -2.93 38.05 -13.86
C GLN B 45 -3.55 36.69 -13.52
N TRP B 46 -2.97 36.04 -12.51
CA TRP B 46 -3.42 34.74 -12.04
C TRP B 46 -4.40 34.86 -10.88
N LEU B 47 -4.09 35.74 -9.92
CA LEU B 47 -4.95 35.94 -8.75
C LEU B 47 -6.35 36.45 -9.09
N ASN B 48 -6.46 37.18 -10.19
CA ASN B 48 -7.74 37.73 -10.65
C ASN B 48 -8.54 36.68 -11.42
N GLU B 49 -8.18 35.42 -11.24
CA GLU B 49 -8.84 34.32 -11.96
C GLU B 49 -8.67 33.02 -11.19
N LYS B 50 -7.85 33.07 -10.14
CA LYS B 50 -7.54 31.91 -9.31
C LYS B 50 -8.75 31.16 -8.76
N PHE B 51 -9.72 31.91 -8.23
CA PHE B 51 -10.90 31.30 -7.65
C PHE B 51 -12.15 31.24 -8.53
N LYS B 52 -12.04 31.68 -9.79
CA LYS B 52 -13.17 31.65 -10.69
C LYS B 52 -13.18 30.44 -11.60
N LEU B 53 -12.08 29.72 -11.66
CA LEU B 53 -11.98 28.56 -12.52
C LEU B 53 -12.72 27.33 -12.01
N GLY B 54 -13.27 27.42 -10.81
CA GLY B 54 -13.99 26.30 -10.23
C GLY B 54 -13.08 25.16 -9.79
N LEU B 55 -11.83 25.49 -9.53
CA LEU B 55 -10.85 24.50 -9.07
C LEU B 55 -11.09 24.23 -7.60
N ASP B 56 -10.97 22.97 -7.20
CA ASP B 56 -11.17 22.59 -5.81
C ASP B 56 -10.11 23.22 -4.91
N PHE B 57 -8.85 23.05 -5.26
CA PHE B 57 -7.75 23.65 -4.51
C PHE B 57 -6.97 24.50 -5.50
N PRO B 58 -7.46 25.73 -5.77
CA PRO B 58 -6.83 26.67 -6.69
C PRO B 58 -5.31 26.66 -6.62
N ASN B 59 -4.70 26.27 -7.72
CA ASN B 59 -3.23 26.19 -7.80
C ASN B 59 -2.74 26.09 -9.25
N LEU B 60 -1.42 26.20 -9.43
CA LEU B 60 -0.78 26.10 -10.73
C LEU B 60 0.27 25.00 -10.64
N PRO B 61 0.31 24.09 -11.61
CA PRO B 61 -0.56 24.02 -12.78
C PRO B 61 -1.95 23.48 -12.49
N TYR B 62 -2.82 23.63 -13.48
CA TYR B 62 -4.17 23.13 -13.39
C TYR B 62 -4.53 22.63 -14.79
N LEU B 63 -5.45 21.68 -14.85
CA LEU B 63 -5.87 21.15 -16.14
C LEU B 63 -7.39 21.09 -16.18
N ILE B 64 -7.96 21.61 -17.25
CA ILE B 64 -9.41 21.59 -17.40
C ILE B 64 -9.79 20.74 -18.60
N ASP B 65 -10.43 19.61 -18.31
CA ASP B 65 -10.89 18.69 -19.34
C ASP B 65 -12.40 18.57 -19.21
N GLY B 66 -13.10 19.53 -19.80
CA GLY B 66 -14.55 19.52 -19.76
C GLY B 66 -15.06 19.82 -18.37
N ALA B 67 -15.66 18.82 -17.74
CA ALA B 67 -16.20 18.97 -16.39
C ALA B 67 -15.13 18.71 -15.34
N HIS B 68 -13.99 18.18 -15.78
CA HIS B 68 -12.89 17.89 -14.87
C HIS B 68 -11.87 19.02 -14.69
N LYS B 69 -11.85 19.62 -13.51
CA LYS B 69 -10.90 20.68 -13.18
C LYS B 69 -9.90 20.06 -12.21
N ILE B 70 -8.65 19.97 -12.62
CA ILE B 70 -7.61 19.36 -11.80
C ILE B 70 -6.44 20.27 -11.45
N THR B 71 -5.84 20.02 -10.29
CA THR B 71 -4.67 20.76 -9.81
C THR B 71 -3.70 19.70 -9.27
N GLN B 72 -2.46 20.11 -8.97
CA GLN B 72 -1.41 19.22 -8.48
C GLN B 72 -0.79 18.47 -9.65
N SER B 73 0.42 18.87 -10.04
CA SER B 73 1.09 18.25 -11.16
C SER B 73 1.00 16.74 -11.25
N ASN B 74 1.34 16.04 -10.17
CA ASN B 74 1.30 14.57 -10.17
C ASN B 74 -0.10 14.01 -10.44
N ALA B 75 -1.13 14.73 -9.98
CA ALA B 75 -2.50 14.32 -10.20
C ALA B 75 -2.86 14.46 -11.69
N ILE B 76 -2.52 15.62 -12.25
CA ILE B 76 -2.77 15.91 -13.66
C ILE B 76 -2.11 14.83 -14.52
N LEU B 77 -0.86 14.49 -14.18
CA LEU B 77 -0.13 13.47 -14.92
C LEU B 77 -0.82 12.12 -14.93
N CYS B 78 -1.30 11.68 -13.77
CA CYS B 78 -1.99 10.40 -13.65
C CYS B 78 -3.29 10.43 -14.44
N TYR B 79 -3.95 11.59 -14.41
CA TYR B 79 -5.21 11.76 -15.13
C TYR B 79 -5.00 11.50 -16.62
N ILE B 80 -3.99 12.16 -17.18
CA ILE B 80 -3.65 12.02 -18.58
C ILE B 80 -3.16 10.61 -18.85
N ALA B 81 -2.32 10.09 -17.97
CA ALA B 81 -1.79 8.74 -18.12
C ALA B 81 -2.84 7.63 -18.10
N ARG B 82 -3.84 7.75 -17.23
CA ARG B 82 -4.89 6.74 -17.14
C ARG B 82 -5.65 6.57 -18.46
N LYS B 83 -5.81 7.68 -19.18
CA LYS B 83 -6.51 7.67 -20.46
C LYS B 83 -5.72 6.91 -21.53
N HIS B 84 -4.42 6.72 -21.31
CA HIS B 84 -3.57 6.04 -22.27
C HIS B 84 -2.79 4.86 -21.68
N ASN B 85 -3.28 4.33 -20.57
CA ASN B 85 -2.63 3.19 -19.92
C ASN B 85 -1.13 3.34 -19.70
N LEU B 86 -0.75 4.45 -19.09
CA LEU B 86 0.63 4.75 -18.80
C LEU B 86 0.82 4.95 -17.31
N CYS B 87 -0.05 4.34 -16.52
CA CYS B 87 0.01 4.45 -15.07
C CYS B 87 0.54 3.19 -14.42
N GLY B 88 0.87 2.20 -15.25
CA GLY B 88 1.38 0.93 -14.74
C GLY B 88 0.30 -0.12 -14.73
N GLU B 89 0.70 -1.38 -14.80
CA GLU B 89 -0.25 -2.49 -14.81
C GLU B 89 0.07 -3.50 -13.72
N THR B 90 1.26 -4.08 -13.77
CA THR B 90 1.65 -5.07 -12.77
C THR B 90 1.77 -4.43 -11.40
N GLU B 91 1.87 -5.27 -10.37
CA GLU B 91 2.01 -4.78 -9.01
C GLU B 91 3.32 -4.02 -8.90
N GLU B 92 4.41 -4.64 -9.33
CA GLU B 92 5.73 -4.01 -9.27
C GLU B 92 5.81 -2.71 -10.07
N GLU B 93 5.05 -2.63 -11.16
CA GLU B 93 5.04 -1.43 -11.98
C GLU B 93 4.46 -0.26 -11.20
N LYS B 94 3.32 -0.49 -10.56
CA LYS B 94 2.67 0.56 -9.78
C LYS B 94 3.51 1.02 -8.59
N ILE B 95 4.24 0.09 -7.99
CA ILE B 95 5.09 0.41 -6.86
C ILE B 95 6.14 1.41 -7.34
N ARG B 96 6.87 1.02 -8.38
CA ARG B 96 7.93 1.85 -8.94
C ARG B 96 7.39 3.22 -9.34
N VAL B 97 6.21 3.25 -9.91
CA VAL B 97 5.59 4.50 -10.32
C VAL B 97 5.36 5.38 -9.10
N ASP B 98 4.78 4.80 -8.06
CA ASP B 98 4.51 5.55 -6.84
C ASP B 98 5.79 6.11 -6.23
N ILE B 99 6.81 5.28 -6.10
CA ILE B 99 8.07 5.72 -5.53
C ILE B 99 8.68 6.89 -6.32
N LEU B 100 8.86 6.71 -7.62
CA LEU B 100 9.42 7.74 -8.49
C LEU B 100 8.58 9.00 -8.54
N GLU B 101 7.27 8.83 -8.64
CA GLU B 101 6.32 9.94 -8.70
C GLU B 101 6.62 10.97 -7.60
N ASN B 102 7.02 10.46 -6.43
CA ASN B 102 7.32 11.30 -5.29
C ASN B 102 8.81 11.64 -5.19
N GLN B 103 9.66 10.68 -5.53
CA GLN B 103 11.10 10.86 -5.46
C GLN B 103 11.54 12.04 -6.31
N THR B 104 11.09 12.03 -7.55
CA THR B 104 11.42 13.09 -8.49
C THR B 104 10.97 14.45 -7.94
N MET B 105 9.77 14.48 -7.39
CA MET B 105 9.22 15.70 -6.82
C MET B 105 10.15 16.24 -5.74
N ASP B 106 10.74 15.33 -4.98
CA ASP B 106 11.68 15.69 -3.90
C ASP B 106 12.94 16.29 -4.49
N ASN B 107 13.58 15.53 -5.36
CA ASN B 107 14.81 15.96 -6.01
C ASN B 107 14.60 17.28 -6.75
N HIS B 108 13.41 17.45 -7.32
CA HIS B 108 13.10 18.67 -8.05
C HIS B 108 13.09 19.84 -7.08
N MET B 109 12.43 19.68 -5.94
CA MET B 109 12.40 20.76 -4.97
C MET B 109 13.79 21.08 -4.43
N GLN B 110 14.56 20.04 -4.15
CA GLN B 110 15.91 20.20 -3.65
C GLN B 110 16.65 21.17 -4.52
N LEU B 111 16.48 21.01 -5.82
CA LEU B 111 17.10 21.89 -6.78
C LEU B 111 16.45 23.26 -6.67
N GLY B 112 15.13 23.29 -6.80
CA GLY B 112 14.39 24.54 -6.72
C GLY B 112 14.61 25.34 -5.47
N MET B 113 14.87 24.66 -4.36
CA MET B 113 15.08 25.32 -3.08
C MET B 113 16.30 26.21 -3.06
N ILE B 114 17.43 25.68 -3.50
CA ILE B 114 18.69 26.44 -3.52
C ILE B 114 18.72 27.47 -4.65
N CYS B 115 18.02 27.20 -5.74
CA CYS B 115 17.98 28.13 -6.85
C CYS B 115 17.13 29.36 -6.53
N TYR B 116 16.23 29.21 -5.56
CA TYR B 116 15.36 30.31 -5.14
C TYR B 116 15.96 30.99 -3.91
N ASN B 117 16.94 30.32 -3.30
CA ASN B 117 17.61 30.83 -2.12
C ASN B 117 18.57 31.95 -2.54
N PRO B 118 18.40 33.16 -1.98
CA PRO B 118 19.24 34.32 -2.28
C PRO B 118 20.74 34.05 -2.17
N GLU B 119 21.14 33.14 -1.30
CA GLU B 119 22.54 32.79 -1.11
C GLU B 119 22.93 31.58 -1.96
N PHE B 120 22.27 31.43 -3.11
CA PHE B 120 22.48 30.34 -4.06
C PHE B 120 23.95 30.02 -4.32
N GLU B 121 24.75 31.04 -4.60
CA GLU B 121 26.16 30.83 -4.90
C GLU B 121 26.95 30.12 -3.80
N LYS B 122 26.53 30.30 -2.55
CA LYS B 122 27.19 29.68 -1.42
C LYS B 122 26.81 28.21 -1.21
N LEU B 123 25.53 27.90 -1.40
CA LEU B 123 25.00 26.53 -1.24
C LEU B 123 25.38 25.56 -2.35
N LYS B 124 25.60 26.10 -3.55
CA LYS B 124 25.95 25.33 -4.74
C LYS B 124 27.05 24.27 -4.57
N PRO B 125 28.18 24.62 -3.92
CA PRO B 125 29.27 23.65 -3.73
C PRO B 125 28.84 22.36 -3.03
N LYS B 126 27.99 22.49 -2.03
CA LYS B 126 27.51 21.35 -1.27
C LYS B 126 26.55 20.51 -2.11
N TYR B 127 25.61 21.18 -2.78
CA TYR B 127 24.62 20.49 -3.61
C TYR B 127 25.28 19.67 -4.70
N LEU B 128 26.32 20.21 -5.32
CA LEU B 128 27.05 19.52 -6.38
C LEU B 128 27.80 18.32 -5.83
N GLU B 129 28.26 18.42 -4.59
CA GLU B 129 28.99 17.33 -3.96
C GLU B 129 28.09 16.12 -3.76
N GLU B 130 26.82 16.39 -3.44
CA GLU B 130 25.82 15.35 -3.19
C GLU B 130 25.10 14.81 -4.43
N LEU B 131 25.05 15.62 -5.48
CA LEU B 131 24.38 15.25 -6.72
C LEU B 131 24.77 13.90 -7.34
N PRO B 132 26.08 13.60 -7.46
CA PRO B 132 26.49 12.33 -8.05
C PRO B 132 25.79 11.14 -7.43
N GLU B 133 25.65 11.18 -6.11
CA GLU B 133 24.99 10.10 -5.41
C GLU B 133 23.51 10.04 -5.79
N LYS B 134 22.86 11.20 -5.84
CA LYS B 134 21.45 11.26 -6.19
C LYS B 134 21.23 10.62 -7.56
N LEU B 135 22.06 11.03 -8.52
CA LEU B 135 22.02 10.53 -9.87
C LEU B 135 22.26 9.02 -9.88
N LYS B 136 23.31 8.60 -9.19
CA LYS B 136 23.66 7.20 -9.08
C LYS B 136 22.43 6.36 -8.72
N LEU B 137 21.63 6.85 -7.78
CA LEU B 137 20.44 6.16 -7.33
C LEU B 137 19.51 5.86 -8.48
N TYR B 138 19.24 6.87 -9.31
CA TYR B 138 18.39 6.69 -10.47
C TYR B 138 18.99 5.65 -11.40
N SER B 139 20.31 5.71 -11.59
CA SER B 139 21.05 4.77 -12.42
C SER B 139 20.81 3.37 -11.88
N GLU B 140 21.12 3.19 -10.60
CA GLU B 140 20.96 1.91 -9.91
C GLU B 140 19.54 1.36 -10.13
N PHE B 141 18.57 2.25 -10.00
CA PHE B 141 17.17 1.92 -10.12
C PHE B 141 16.74 1.45 -11.50
N LEU B 142 17.12 2.20 -12.53
CA LEU B 142 16.78 1.88 -13.92
C LEU B 142 17.41 0.57 -14.34
N GLY B 143 18.72 0.48 -14.15
CA GLY B 143 19.44 -0.72 -14.52
C GLY B 143 19.44 -0.95 -16.02
N LYS B 144 19.19 -2.19 -16.41
CA LYS B 144 19.17 -2.56 -17.81
C LYS B 144 17.80 -2.39 -18.46
N ARG B 145 16.86 -1.82 -17.69
CA ARG B 145 15.51 -1.59 -18.18
C ARG B 145 15.46 -0.45 -19.19
N PRO B 146 14.57 -0.56 -20.18
CA PRO B 146 14.43 0.48 -21.20
C PRO B 146 13.76 1.68 -20.60
N TRP B 147 12.83 1.41 -19.67
CA TRP B 147 12.08 2.43 -18.97
C TRP B 147 12.16 2.17 -17.46
N PHE B 148 11.80 3.19 -16.69
CA PHE B 148 11.85 3.08 -15.24
C PHE B 148 10.82 2.16 -14.64
N ALA B 149 9.59 2.18 -15.15
CA ALA B 149 8.56 1.30 -14.62
C ALA B 149 8.89 -0.16 -14.95
N GLY B 150 9.48 -0.36 -16.12
CA GLY B 150 9.85 -1.70 -16.57
C GLY B 150 10.10 -1.70 -18.06
N ASN B 151 9.41 -2.57 -18.79
CA ASN B 151 9.58 -2.64 -20.24
C ASN B 151 8.71 -1.60 -20.94
N LYS B 152 7.66 -1.16 -20.26
CA LYS B 152 6.77 -0.17 -20.82
C LYS B 152 7.00 1.23 -20.25
N ILE B 153 6.85 2.22 -21.13
CA ILE B 153 7.01 3.61 -20.73
C ILE B 153 5.79 4.02 -19.91
N THR B 154 6.04 4.83 -18.89
CA THR B 154 4.98 5.32 -18.02
C THR B 154 5.17 6.81 -17.82
N PHE B 155 4.19 7.46 -17.20
CA PHE B 155 4.31 8.91 -16.99
C PHE B 155 5.50 9.33 -16.13
N VAL B 156 6.00 8.41 -15.30
CA VAL B 156 7.14 8.72 -14.46
C VAL B 156 8.42 8.93 -15.27
N ASP B 157 8.50 8.29 -16.44
CA ASP B 157 9.66 8.43 -17.30
C ASP B 157 9.80 9.88 -17.74
N PHE B 158 8.66 10.59 -17.75
CA PHE B 158 8.63 12.00 -18.09
C PHE B 158 9.17 12.80 -16.91
N LEU B 159 8.74 12.42 -15.71
CA LEU B 159 9.17 13.08 -14.48
C LEU B 159 10.66 12.88 -14.25
N VAL B 160 11.14 11.66 -14.48
CA VAL B 160 12.54 11.36 -14.30
C VAL B 160 13.38 12.09 -15.34
N TYR B 161 12.90 12.12 -16.58
CA TYR B 161 13.60 12.79 -17.65
C TYR B 161 13.81 14.25 -17.27
N ASP B 162 12.72 14.93 -16.97
CA ASP B 162 12.75 16.34 -16.60
C ASP B 162 13.83 16.60 -15.57
N VAL B 163 13.80 15.84 -14.49
CA VAL B 163 14.79 16.00 -13.44
C VAL B 163 16.19 15.85 -14.02
N LEU B 164 16.46 14.73 -14.69
CA LEU B 164 17.76 14.48 -15.27
C LEU B 164 18.19 15.61 -16.22
N ASP B 165 17.25 16.06 -17.06
CA ASP B 165 17.54 17.13 -18.01
C ASP B 165 17.93 18.38 -17.26
N LEU B 166 17.11 18.78 -16.29
CA LEU B 166 17.39 19.97 -15.49
C LEU B 166 18.80 19.96 -14.91
N HIS B 167 19.32 18.78 -14.64
CA HIS B 167 20.65 18.65 -14.09
C HIS B 167 21.80 18.66 -15.08
N ARG B 168 21.57 18.21 -16.31
CA ARG B 168 22.64 18.25 -17.31
C ARG B 168 22.78 19.73 -17.68
N ILE B 169 21.68 20.46 -17.55
CA ILE B 169 21.66 21.88 -17.83
C ILE B 169 22.43 22.62 -16.73
N PHE B 170 22.21 22.20 -15.49
CA PHE B 170 22.86 22.79 -14.32
C PHE B 170 24.32 22.36 -14.23
N GLU B 171 24.57 21.09 -14.44
CA GLU B 171 25.91 20.53 -14.40
C GLU B 171 25.99 19.50 -15.52
N PRO B 172 26.37 19.96 -16.72
CA PRO B 172 26.51 19.16 -17.94
C PRO B 172 27.23 17.82 -17.84
N LYS B 173 28.35 17.80 -17.13
CA LYS B 173 29.11 16.55 -16.97
C LYS B 173 28.50 15.58 -15.96
N CYS B 174 27.46 16.00 -15.25
CA CYS B 174 26.82 15.17 -14.23
C CYS B 174 26.43 13.77 -14.64
N LEU B 175 25.97 13.62 -15.88
CA LEU B 175 25.53 12.31 -16.37
C LEU B 175 26.59 11.41 -16.98
N ASP B 176 27.75 11.97 -17.33
CA ASP B 176 28.83 11.23 -17.96
C ASP B 176 29.15 9.89 -17.31
N ALA B 177 29.07 9.83 -15.99
CA ALA B 177 29.39 8.61 -15.26
C ALA B 177 28.30 7.53 -15.31
N PHE B 178 27.12 7.88 -15.82
CA PHE B 178 26.01 6.93 -15.91
C PHE B 178 25.51 6.81 -17.34
N PRO B 179 26.15 5.94 -18.13
CA PRO B 179 25.77 5.72 -19.53
C PRO B 179 24.32 5.33 -19.72
N ASN B 180 23.81 4.44 -18.87
CA ASN B 180 22.43 3.99 -18.98
C ASN B 180 21.43 5.13 -18.85
N LEU B 181 21.79 6.18 -18.11
CA LEU B 181 20.93 7.34 -17.94
C LEU B 181 20.97 8.21 -19.19
N LYS B 182 22.12 8.21 -19.85
CA LYS B 182 22.27 8.97 -21.08
C LYS B 182 21.43 8.27 -22.16
N ASP B 183 21.48 6.95 -22.19
CA ASP B 183 20.71 6.16 -23.14
C ASP B 183 19.23 6.41 -22.92
N PHE B 184 18.84 6.67 -21.67
CA PHE B 184 17.46 6.95 -21.34
C PHE B 184 17.06 8.25 -22.02
N ILE B 185 17.89 9.28 -21.87
CA ILE B 185 17.61 10.59 -22.47
C ILE B 185 17.55 10.50 -24.00
N SER B 186 18.44 9.72 -24.58
CA SER B 186 18.48 9.52 -26.02
C SER B 186 17.16 8.85 -26.43
N ARG B 187 16.88 7.73 -25.78
CA ARG B 187 15.69 6.96 -26.02
C ARG B 187 14.42 7.80 -25.83
N PHE B 188 14.42 8.68 -24.84
CA PHE B 188 13.26 9.51 -24.59
C PHE B 188 13.11 10.62 -25.63
N GLU B 189 14.18 11.38 -25.85
CA GLU B 189 14.13 12.46 -26.84
C GLU B 189 14.05 11.81 -28.23
N GLY B 190 14.29 10.50 -28.27
CA GLY B 190 14.24 9.74 -29.51
C GLY B 190 12.84 9.35 -29.94
N LEU B 191 11.87 9.44 -29.02
CA LEU B 191 10.49 9.13 -29.32
C LEU B 191 9.98 10.11 -30.37
N GLU B 192 9.27 9.57 -31.36
CA GLU B 192 8.74 10.36 -32.47
C GLU B 192 8.05 11.65 -32.09
N LYS B 193 6.96 11.56 -31.33
CA LYS B 193 6.23 12.77 -30.94
C LYS B 193 7.00 13.70 -30.02
N ILE B 194 7.95 13.14 -29.29
CA ILE B 194 8.76 13.95 -28.39
C ILE B 194 9.74 14.75 -29.22
N SER B 195 10.40 14.08 -30.17
CA SER B 195 11.35 14.74 -31.05
C SER B 195 10.67 15.85 -31.82
N ALA B 196 9.56 15.51 -32.47
CA ALA B 196 8.79 16.47 -33.25
C ALA B 196 8.44 17.70 -32.43
N TYR B 197 7.92 17.48 -31.23
CA TYR B 197 7.54 18.58 -30.33
C TYR B 197 8.74 19.42 -29.92
N MET B 198 9.89 18.78 -29.71
CA MET B 198 11.07 19.53 -29.33
C MET B 198 11.53 20.45 -30.44
N LYS B 199 11.12 20.13 -31.67
CA LYS B 199 11.48 20.94 -32.83
C LYS B 199 10.40 21.94 -33.20
N SER B 200 9.24 21.86 -32.56
CA SER B 200 8.16 22.79 -32.87
C SER B 200 8.32 24.13 -32.15
N SER B 201 7.40 25.05 -32.45
CA SER B 201 7.40 26.38 -31.85
C SER B 201 6.84 26.34 -30.43
N ARG B 202 6.12 25.27 -30.12
CA ARG B 202 5.49 25.09 -28.82
C ARG B 202 6.48 24.80 -27.68
N PHE B 203 7.60 24.16 -28.00
CA PHE B 203 8.63 23.78 -27.04
C PHE B 203 9.16 24.94 -26.18
N LEU B 204 8.98 24.84 -24.86
CA LEU B 204 9.41 25.86 -23.91
C LEU B 204 10.33 25.29 -22.83
N PRO B 205 11.61 25.07 -23.16
CA PRO B 205 12.57 24.52 -22.21
C PRO B 205 13.03 25.50 -21.13
N ARG B 206 12.85 26.80 -21.40
CA ARG B 206 13.26 27.86 -20.48
C ARG B 206 12.29 29.04 -20.57
N PRO B 207 12.22 29.89 -19.53
CA PRO B 207 12.95 29.85 -18.26
C PRO B 207 12.62 28.59 -17.47
N VAL B 208 13.62 28.03 -16.80
CA VAL B 208 13.45 26.83 -15.99
C VAL B 208 12.53 27.15 -14.79
N PHE B 209 12.80 28.27 -14.14
CA PHE B 209 12.01 28.70 -12.97
C PHE B 209 11.36 30.07 -13.21
N SER B 210 10.75 30.63 -12.17
CA SER B 210 10.09 31.93 -12.27
C SER B 210 11.14 33.05 -12.16
N LYS B 211 10.67 34.30 -12.24
CA LYS B 211 11.55 35.45 -12.15
C LYS B 211 12.19 35.65 -10.77
N MET B 212 11.54 35.10 -9.73
CA MET B 212 12.02 35.21 -8.35
C MET B 212 13.29 34.40 -8.13
N ALA B 213 13.62 33.54 -9.07
CA ALA B 213 14.79 32.67 -8.97
C ALA B 213 16.14 33.36 -9.14
N VAL B 214 17.15 32.75 -8.52
CA VAL B 214 18.52 33.25 -8.60
C VAL B 214 19.21 32.60 -9.79
N TRP B 215 18.80 31.38 -10.11
CA TRP B 215 19.35 30.64 -11.25
C TRP B 215 18.22 30.14 -12.14
N GLY B 216 18.47 30.13 -13.45
CA GLY B 216 17.47 29.68 -14.41
C GLY B 216 16.21 30.52 -14.40
N ASN B 217 16.34 31.75 -13.91
CA ASN B 217 15.23 32.69 -13.84
C ASN B 217 14.86 33.22 -15.22
N LYS B 218 15.82 33.14 -16.14
CA LYS B 218 15.63 33.61 -17.51
C LYS B 218 15.96 32.52 -18.52
N PRO C 2 -4.50 -8.42 14.16
CA PRO C 2 -5.33 -9.36 13.39
C PRO C 2 -5.41 -10.74 14.03
N MET C 3 -6.27 -11.57 13.47
CA MET C 3 -6.44 -12.93 13.95
C MET C 3 -5.09 -13.62 13.81
N ILE C 4 -4.88 -14.66 14.60
CA ILE C 4 -3.64 -15.42 14.52
C ILE C 4 -3.95 -16.91 14.66
N LEU C 5 -3.45 -17.66 13.69
CA LEU C 5 -3.67 -19.09 13.62
C LEU C 5 -2.39 -19.85 13.89
N GLY C 6 -2.35 -20.55 15.01
CA GLY C 6 -1.16 -21.30 15.32
C GLY C 6 -1.34 -22.73 14.89
N TYR C 7 -0.27 -23.33 14.41
CA TYR C 7 -0.29 -24.72 13.98
C TYR C 7 1.09 -25.15 13.52
N TRP C 8 1.26 -26.43 13.23
CA TRP C 8 2.54 -26.89 12.74
C TRP C 8 2.77 -26.33 11.34
N ASP C 9 4.02 -26.39 10.88
CA ASP C 9 4.37 -25.88 9.57
C ASP C 9 4.00 -26.97 8.56
N ILE C 10 2.74 -27.37 8.57
CA ILE C 10 2.22 -28.40 7.67
C ILE C 10 0.76 -28.14 7.34
N ARG C 11 0.21 -28.97 6.45
CA ARG C 11 -1.18 -28.86 6.03
C ARG C 11 -2.09 -29.31 7.16
N GLY C 12 -2.07 -30.62 7.43
CA GLY C 12 -2.87 -31.20 8.50
C GLY C 12 -4.32 -30.73 8.61
N LEU C 13 -4.69 -30.37 9.83
CA LEU C 13 -6.03 -29.91 10.17
C LEU C 13 -6.28 -28.42 9.97
N ALA C 14 -5.22 -27.68 9.64
CA ALA C 14 -5.30 -26.24 9.43
C ALA C 14 -5.73 -25.89 8.01
N HIS C 15 -5.58 -26.85 7.11
CA HIS C 15 -5.91 -26.63 5.72
C HIS C 15 -7.27 -25.99 5.49
N ALA C 16 -8.32 -26.68 5.89
CA ALA C 16 -9.67 -26.15 5.71
C ALA C 16 -9.84 -24.78 6.33
N ILE C 17 -9.20 -24.58 7.48
CA ILE C 17 -9.29 -23.32 8.22
C ILE C 17 -8.71 -22.20 7.38
N ARG C 18 -7.50 -22.42 6.89
CA ARG C 18 -6.81 -21.44 6.07
C ARG C 18 -7.72 -21.13 4.89
N LEU C 19 -8.13 -22.18 4.18
CA LEU C 19 -9.01 -22.02 3.04
C LEU C 19 -10.21 -21.18 3.42
N LEU C 20 -10.76 -21.47 4.60
CA LEU C 20 -11.92 -20.74 5.08
C LEU C 20 -11.60 -19.27 5.32
N LEU C 21 -10.49 -19.03 6.01
CA LEU C 21 -10.06 -17.68 6.31
C LEU C 21 -9.91 -16.87 5.04
N GLU C 22 -9.25 -17.47 4.04
CA GLU C 22 -9.05 -16.81 2.76
C GLU C 22 -10.36 -16.45 2.08
N TYR C 23 -11.25 -17.44 1.95
CA TYR C 23 -12.54 -17.24 1.33
C TYR C 23 -13.35 -16.16 2.04
N THR C 24 -13.23 -16.09 3.35
CA THR C 24 -13.95 -15.09 4.16
C THR C 24 -13.24 -13.75 4.15
N ASP C 25 -12.11 -13.70 3.44
CA ASP C 25 -11.30 -12.50 3.31
C ASP C 25 -10.90 -11.94 4.68
N SER C 26 -10.76 -12.85 5.63
CA SER C 26 -10.38 -12.52 6.99
C SER C 26 -8.93 -12.05 7.11
N SER C 27 -8.71 -11.11 8.04
CA SER C 27 -7.39 -10.56 8.29
C SER C 27 -6.72 -11.49 9.31
N TYR C 28 -5.61 -12.10 8.93
CA TYR C 28 -4.95 -13.02 9.86
C TYR C 28 -3.45 -13.26 9.63
N GLU C 29 -2.79 -13.71 10.68
CA GLU C 29 -1.37 -14.05 10.65
C GLU C 29 -1.28 -15.56 10.85
N GLU C 30 -0.07 -16.07 10.95
CA GLU C 30 0.13 -17.51 11.18
C GLU C 30 1.36 -17.77 12.04
N LYS C 31 1.18 -18.57 13.08
CA LYS C 31 2.28 -18.91 13.97
C LYS C 31 2.62 -20.37 13.67
N LYS C 32 3.39 -20.58 12.62
CA LYS C 32 3.79 -21.94 12.24
C LYS C 32 4.84 -22.45 13.22
N TYR C 33 4.67 -23.68 13.68
CA TYR C 33 5.60 -24.29 14.63
C TYR C 33 6.40 -25.39 13.94
N THR C 34 7.72 -25.28 14.01
CA THR C 34 8.58 -26.28 13.38
C THR C 34 8.88 -27.44 14.33
N MET C 35 8.71 -28.66 13.84
CA MET C 35 8.99 -29.84 14.62
C MET C 35 10.39 -30.35 14.24
N GLY C 36 11.15 -30.80 15.24
CA GLY C 36 12.49 -31.28 14.99
C GLY C 36 12.53 -32.59 14.21
N ASP C 37 13.68 -32.86 13.57
CA ASP C 37 13.84 -34.08 12.81
C ASP C 37 13.99 -35.30 13.72
N ALA C 38 13.84 -36.48 13.12
CA ALA C 38 13.97 -37.73 13.85
C ALA C 38 15.40 -37.85 14.39
N PRO C 39 15.61 -38.72 15.38
CA PRO C 39 14.61 -39.58 16.01
C PRO C 39 13.82 -38.90 17.14
N ASP C 40 14.27 -37.72 17.54
CA ASP C 40 13.65 -36.97 18.63
C ASP C 40 12.29 -36.33 18.35
N TYR C 41 12.14 -35.74 17.17
CA TYR C 41 10.90 -35.06 16.80
C TYR C 41 10.60 -34.01 17.85
N ASP C 42 11.64 -33.23 18.15
CA ASP C 42 11.57 -32.18 19.16
C ASP C 42 10.40 -31.22 18.92
N ARG C 43 9.53 -31.14 19.91
CA ARG C 43 8.34 -30.29 19.83
C ARG C 43 8.42 -29.14 20.84
N SER C 44 9.64 -28.80 21.26
CA SER C 44 9.87 -27.74 22.24
C SER C 44 9.41 -26.36 21.80
N GLN C 45 9.52 -26.07 20.51
CA GLN C 45 9.11 -24.77 19.98
C GLN C 45 7.65 -24.47 20.35
N TRP C 46 6.84 -25.51 20.44
CA TRP C 46 5.43 -25.40 20.79
C TRP C 46 5.21 -25.55 22.30
N LEU C 47 5.85 -26.55 22.89
CA LEU C 47 5.71 -26.80 24.32
C LEU C 47 6.14 -25.63 25.20
N ASN C 48 7.13 -24.86 24.73
CA ASN C 48 7.63 -23.69 25.45
C ASN C 48 6.70 -22.50 25.29
N GLU C 49 5.46 -22.75 24.86
CA GLU C 49 4.53 -21.66 24.63
C GLU C 49 3.09 -22.18 24.72
N LYS C 50 2.96 -23.50 24.83
CA LYS C 50 1.68 -24.18 24.90
C LYS C 50 0.76 -23.63 25.97
N PHE C 51 1.27 -23.46 27.19
CA PHE C 51 0.44 -22.98 28.28
C PHE C 51 0.47 -21.49 28.54
N LYS C 52 1.22 -20.75 27.74
CA LYS C 52 1.31 -19.31 27.94
C LYS C 52 0.33 -18.49 27.12
N LEU C 53 -0.29 -19.13 26.12
CA LEU C 53 -1.20 -18.44 25.23
C LEU C 53 -2.59 -18.16 25.81
N GLY C 54 -2.87 -18.67 27.00
CA GLY C 54 -4.18 -18.45 27.60
C GLY C 54 -5.29 -19.27 26.98
N LEU C 55 -4.92 -20.40 26.40
CA LEU C 55 -5.90 -21.29 25.78
C LEU C 55 -6.49 -22.18 26.85
N ASP C 56 -7.81 -22.35 26.84
CA ASP C 56 -8.48 -23.18 27.83
C ASP C 56 -8.00 -24.61 27.76
N PHE C 57 -7.94 -25.15 26.55
CA PHE C 57 -7.45 -26.51 26.36
C PHE C 57 -6.33 -26.45 25.33
N PRO C 58 -5.12 -26.11 25.78
CA PRO C 58 -3.93 -26.01 24.96
C PRO C 58 -3.82 -27.10 23.92
N ASN C 59 -3.88 -26.68 22.65
CA ASN C 59 -3.79 -27.60 21.53
C ASN C 59 -3.56 -26.87 20.21
N LEU C 60 -3.20 -27.66 19.19
CA LEU C 60 -2.96 -27.17 17.84
C LEU C 60 -4.00 -27.84 16.94
N PRO C 61 -4.67 -27.07 16.09
CA PRO C 61 -4.54 -25.64 15.87
C PRO C 61 -5.26 -24.83 16.94
N TYR C 62 -4.95 -23.55 16.97
CA TYR C 62 -5.58 -22.63 17.89
C TYR C 62 -5.76 -21.35 17.13
N LEU C 63 -6.73 -20.55 17.53
CA LEU C 63 -6.97 -19.30 16.86
C LEU C 63 -7.18 -18.23 17.90
N ILE C 64 -6.48 -17.12 17.72
CA ILE C 64 -6.61 -16.03 18.65
C ILE C 64 -7.21 -14.81 17.97
N ASP C 65 -8.45 -14.48 18.34
CA ASP C 65 -9.11 -13.32 17.77
C ASP C 65 -9.41 -12.32 18.89
N GLY C 66 -8.41 -11.50 19.20
CA GLY C 66 -8.58 -10.52 20.26
C GLY C 66 -8.66 -11.21 21.60
N ALA C 67 -9.82 -11.11 22.23
CA ALA C 67 -10.03 -11.73 23.54
C ALA C 67 -10.38 -13.22 23.43
N HIS C 68 -10.74 -13.65 22.22
CA HIS C 68 -11.12 -15.03 21.98
C HIS C 68 -10.00 -15.99 21.59
N LYS C 69 -9.68 -16.90 22.50
CA LYS C 69 -8.66 -17.91 22.26
C LYS C 69 -9.40 -19.21 22.05
N ILE C 70 -9.21 -19.81 20.87
CA ILE C 70 -9.90 -21.03 20.51
C ILE C 70 -9.01 -22.20 20.09
N THR C 71 -9.47 -23.40 20.40
CA THR C 71 -8.78 -24.63 20.01
C THR C 71 -9.86 -25.54 19.44
N GLN C 72 -9.45 -26.69 18.90
CA GLN C 72 -10.37 -27.64 18.29
C GLN C 72 -10.75 -27.14 16.90
N SER C 73 -10.14 -27.75 15.88
CA SER C 73 -10.37 -27.36 14.50
C SER C 73 -11.82 -27.04 14.15
N ASN C 74 -12.74 -27.96 14.42
CA ASN C 74 -14.15 -27.73 14.10
C ASN C 74 -14.73 -26.52 14.80
N ALA C 75 -14.25 -26.28 16.02
CA ALA C 75 -14.67 -25.14 16.81
C ALA C 75 -14.22 -23.86 16.14
N ILE C 76 -12.96 -23.85 15.71
CA ILE C 76 -12.36 -22.70 15.04
C ILE C 76 -13.14 -22.35 13.78
N LEU C 77 -13.44 -23.38 12.98
CA LEU C 77 -14.18 -23.21 11.75
C LEU C 77 -15.56 -22.62 11.96
N CYS C 78 -16.32 -23.14 12.93
CA CYS C 78 -17.66 -22.60 13.20
C CYS C 78 -17.55 -21.14 13.61
N TYR C 79 -16.52 -20.83 14.39
CA TYR C 79 -16.29 -19.47 14.87
C TYR C 79 -16.20 -18.51 13.69
N ILE C 80 -15.29 -18.82 12.79
CA ILE C 80 -15.08 -18.02 11.59
C ILE C 80 -16.36 -18.00 10.76
N ALA C 81 -16.94 -19.18 10.54
CA ALA C 81 -18.17 -19.34 9.76
C ALA C 81 -19.33 -18.48 10.29
N ARG C 82 -19.55 -18.51 11.59
CA ARG C 82 -20.64 -17.74 12.17
C ARG C 82 -20.54 -16.24 11.86
N LYS C 83 -19.32 -15.74 11.71
CA LYS C 83 -19.11 -14.34 11.40
C LYS C 83 -19.53 -14.01 9.96
N HIS C 84 -19.65 -15.03 9.12
CA HIS C 84 -20.02 -14.84 7.72
C HIS C 84 -21.23 -15.67 7.27
N ASN C 85 -22.04 -16.10 8.23
CA ASN C 85 -23.24 -16.89 7.97
C ASN C 85 -23.00 -18.09 7.07
N LEU C 86 -22.03 -18.92 7.46
CA LEU C 86 -21.69 -20.11 6.71
C LEU C 86 -21.80 -21.34 7.61
N CYS C 87 -22.69 -21.24 8.59
CA CYS C 87 -22.91 -22.33 9.52
C CYS C 87 -24.26 -23.01 9.30
N GLY C 88 -24.98 -22.55 8.29
CA GLY C 88 -26.28 -23.12 7.99
C GLY C 88 -27.39 -22.24 8.54
N GLU C 89 -28.57 -22.36 7.97
CA GLU C 89 -29.70 -21.56 8.39
C GLU C 89 -30.93 -22.43 8.64
N THR C 90 -31.34 -23.20 7.63
CA THR C 90 -32.51 -24.07 7.77
C THR C 90 -32.20 -25.23 8.71
N GLU C 91 -33.24 -25.94 9.13
CA GLU C 91 -33.07 -27.08 10.01
C GLU C 91 -32.24 -28.17 9.33
N GLU C 92 -32.63 -28.52 8.11
CA GLU C 92 -31.90 -29.55 7.36
C GLU C 92 -30.45 -29.16 7.06
N GLU C 93 -30.19 -27.86 6.87
CA GLU C 93 -28.83 -27.40 6.59
C GLU C 93 -27.93 -27.69 7.78
N LYS C 94 -28.39 -27.33 8.98
CA LYS C 94 -27.65 -27.53 10.20
C LYS C 94 -27.38 -29.01 10.46
N ILE C 95 -28.38 -29.85 10.18
CA ILE C 95 -28.27 -31.31 10.36
C ILE C 95 -27.12 -31.84 9.49
N ARG C 96 -27.17 -31.49 8.21
CA ARG C 96 -26.13 -31.92 7.26
C ARG C 96 -24.76 -31.41 7.69
N VAL C 97 -24.69 -30.16 8.16
CA VAL C 97 -23.44 -29.57 8.62
C VAL C 97 -22.89 -30.37 9.80
N ASP C 98 -23.73 -30.65 10.77
CA ASP C 98 -23.29 -31.42 11.95
C ASP C 98 -22.76 -32.80 11.56
N ILE C 99 -23.53 -33.53 10.76
CA ILE C 99 -23.11 -34.86 10.35
C ILE C 99 -21.75 -34.83 9.65
N LEU C 100 -21.62 -33.98 8.63
CA LEU C 100 -20.38 -33.86 7.88
C LEU C 100 -19.21 -33.40 8.76
N GLU C 101 -19.45 -32.35 9.54
CA GLU C 101 -18.46 -31.79 10.44
C GLU C 101 -17.70 -32.92 11.13
N ASN C 102 -18.44 -33.91 11.61
CA ASN C 102 -17.84 -35.06 12.28
C ASN C 102 -17.41 -36.19 11.35
N GLN C 103 -18.18 -36.42 10.29
CA GLN C 103 -17.86 -37.49 9.33
C GLN C 103 -16.49 -37.28 8.73
N THR C 104 -16.29 -36.09 8.18
CA THR C 104 -15.02 -35.76 7.54
C THR C 104 -13.86 -35.97 8.50
N MET C 105 -14.07 -35.60 9.77
CA MET C 105 -13.06 -35.78 10.79
C MET C 105 -12.72 -37.25 10.93
N ASP C 106 -13.73 -38.10 10.89
CA ASP C 106 -13.53 -39.55 11.00
C ASP C 106 -12.69 -40.08 9.84
N ASN C 107 -13.14 -39.76 8.63
CA ASN C 107 -12.45 -40.20 7.42
C ASN C 107 -11.02 -39.67 7.38
N HIS C 108 -10.84 -38.43 7.82
CA HIS C 108 -9.53 -37.80 7.85
C HIS C 108 -8.60 -38.63 8.73
N MET C 109 -9.10 -38.98 9.90
CA MET C 109 -8.34 -39.78 10.83
C MET C 109 -8.02 -41.18 10.34
N GLN C 110 -9.00 -41.85 9.71
CA GLN C 110 -8.77 -43.21 9.21
C GLN C 110 -7.56 -43.22 8.30
N LEU C 111 -7.43 -42.17 7.50
CA LEU C 111 -6.32 -41.98 6.58
C LEU C 111 -5.05 -41.73 7.40
N GLY C 112 -5.13 -40.73 8.28
CA GLY C 112 -4.00 -40.40 9.12
C GLY C 112 -3.53 -41.57 9.97
N MET C 113 -4.44 -42.41 10.42
CA MET C 113 -4.10 -43.55 11.25
C MET C 113 -3.12 -44.50 10.59
N ILE C 114 -3.42 -44.89 9.36
CA ILE C 114 -2.57 -45.81 8.62
C ILE C 114 -1.30 -45.16 8.12
N CYS C 115 -1.37 -43.86 7.83
CA CYS C 115 -0.22 -43.13 7.36
C CYS C 115 0.82 -42.95 8.45
N TYR C 116 0.36 -42.92 9.71
CA TYR C 116 1.23 -42.78 10.86
C TYR C 116 1.67 -44.16 11.38
N ASN C 117 0.99 -45.20 10.92
CA ASN C 117 1.29 -46.57 11.34
C ASN C 117 2.57 -47.05 10.64
N PRO C 118 3.55 -47.52 11.43
CA PRO C 118 4.83 -48.02 10.90
C PRO C 118 4.66 -49.03 9.78
N GLU C 119 3.62 -49.85 9.90
CA GLU C 119 3.34 -50.88 8.90
C GLU C 119 2.38 -50.39 7.82
N PHE C 120 2.51 -49.11 7.49
CA PHE C 120 1.68 -48.46 6.47
C PHE C 120 1.55 -49.25 5.17
N GLU C 121 2.68 -49.72 4.65
CA GLU C 121 2.69 -50.47 3.40
C GLU C 121 1.81 -51.72 3.39
N LYS C 122 1.66 -52.35 4.55
CA LYS C 122 0.86 -53.56 4.68
C LYS C 122 -0.66 -53.28 4.75
N LEU C 123 -1.03 -52.23 5.46
CA LEU C 123 -2.43 -51.84 5.63
C LEU C 123 -3.05 -51.17 4.42
N LYS C 124 -2.21 -50.58 3.59
CA LYS C 124 -2.64 -49.87 2.38
C LYS C 124 -3.63 -50.62 1.46
N PRO C 125 -3.37 -51.91 1.16
CA PRO C 125 -4.26 -52.69 0.29
C PRO C 125 -5.72 -52.74 0.75
N LYS C 126 -5.90 -52.90 2.05
CA LYS C 126 -7.23 -52.97 2.64
C LYS C 126 -7.93 -51.61 2.63
N TYR C 127 -7.20 -50.55 2.98
CA TYR C 127 -7.74 -49.20 3.00
C TYR C 127 -8.26 -48.78 1.63
N LEU C 128 -7.50 -49.13 0.58
CA LEU C 128 -7.87 -48.80 -0.79
C LEU C 128 -9.13 -49.55 -1.23
N GLU C 129 -9.25 -50.81 -0.79
CA GLU C 129 -10.39 -51.63 -1.13
C GLU C 129 -11.69 -51.03 -0.60
N GLU C 130 -11.61 -50.40 0.58
CA GLU C 130 -12.77 -49.80 1.23
C GLU C 130 -13.05 -48.35 0.82
N LEU C 131 -12.01 -47.69 0.33
CA LEU C 131 -12.11 -46.29 -0.07
C LEU C 131 -13.25 -45.93 -1.03
N PRO C 132 -13.39 -46.67 -2.13
CA PRO C 132 -14.45 -46.38 -3.11
C PRO C 132 -15.80 -46.21 -2.45
N GLU C 133 -16.09 -47.09 -1.50
CA GLU C 133 -17.35 -47.05 -0.77
C GLU C 133 -17.47 -45.74 -0.01
N LYS C 134 -16.40 -45.38 0.69
CA LYS C 134 -16.38 -44.14 1.47
C LYS C 134 -16.72 -42.97 0.57
N LEU C 135 -16.04 -42.91 -0.57
CA LEU C 135 -16.23 -41.84 -1.55
C LEU C 135 -17.66 -41.84 -2.06
N LYS C 136 -18.15 -43.03 -2.39
CA LYS C 136 -19.50 -43.22 -2.89
C LYS C 136 -20.50 -42.52 -1.96
N LEU C 137 -20.33 -42.72 -0.66
CA LEU C 137 -21.21 -42.12 0.33
C LEU C 137 -21.29 -40.62 0.18
N TYR C 138 -20.14 -39.98 0.05
CA TYR C 138 -20.11 -38.53 -0.13
C TYR C 138 -20.86 -38.17 -1.40
N SER C 139 -20.60 -38.95 -2.44
CA SER C 139 -21.25 -38.76 -3.72
C SER C 139 -22.77 -38.82 -3.53
N GLU C 140 -23.23 -39.94 -2.97
CA GLU C 140 -24.65 -40.17 -2.70
C GLU C 140 -25.24 -38.97 -1.95
N PHE C 141 -24.52 -38.56 -0.91
CA PHE C 141 -24.94 -37.47 -0.06
C PHE C 141 -25.11 -36.14 -0.78
N LEU C 142 -24.08 -35.72 -1.50
CA LEU C 142 -24.11 -34.46 -2.24
C LEU C 142 -25.25 -34.44 -3.27
N GLY C 143 -25.24 -35.43 -4.16
CA GLY C 143 -26.25 -35.53 -5.20
C GLY C 143 -26.10 -34.46 -6.26
N LYS C 144 -27.22 -33.83 -6.60
CA LYS C 144 -27.23 -32.78 -7.63
C LYS C 144 -27.09 -31.40 -7.01
N ARG C 145 -26.78 -31.37 -5.72
CA ARG C 145 -26.59 -30.12 -5.00
C ARG C 145 -25.26 -29.48 -5.38
N PRO C 146 -25.23 -28.14 -5.46
CA PRO C 146 -23.98 -27.46 -5.80
C PRO C 146 -23.01 -27.55 -4.61
N TRP C 147 -23.58 -27.53 -3.40
CA TRP C 147 -22.81 -27.62 -2.16
C TRP C 147 -23.40 -28.70 -1.26
N PHE C 148 -22.65 -29.16 -0.28
CA PHE C 148 -23.11 -30.20 0.63
C PHE C 148 -24.26 -29.84 1.55
N ALA C 149 -24.23 -28.64 2.13
CA ALA C 149 -25.30 -28.20 3.01
C ALA C 149 -26.61 -28.03 2.23
N GLY C 150 -26.47 -27.58 0.98
CA GLY C 150 -27.63 -27.37 0.14
C GLY C 150 -27.25 -26.48 -1.02
N ASN C 151 -28.00 -25.40 -1.23
CA ASN C 151 -27.69 -24.47 -2.31
C ASN C 151 -26.60 -23.47 -1.91
N LYS C 152 -26.45 -23.29 -0.61
CA LYS C 152 -25.44 -22.38 -0.10
C LYS C 152 -24.22 -23.11 0.43
N ILE C 153 -23.07 -22.50 0.19
CA ILE C 153 -21.81 -23.05 0.63
C ILE C 153 -21.71 -22.83 2.12
N THR C 154 -21.09 -23.79 2.81
CA THR C 154 -20.90 -23.71 4.24
C THR C 154 -19.49 -24.17 4.56
N PHE C 155 -19.08 -24.01 5.82
CA PHE C 155 -17.73 -24.39 6.19
C PHE C 155 -17.44 -25.88 5.97
N VAL C 156 -18.49 -26.70 5.94
CA VAL C 156 -18.28 -28.14 5.75
C VAL C 156 -17.78 -28.46 4.35
N ASP C 157 -18.10 -27.57 3.40
CA ASP C 157 -17.64 -27.76 2.04
C ASP C 157 -16.11 -27.74 2.01
N PHE C 158 -15.53 -26.99 2.93
CA PHE C 158 -14.09 -26.91 3.03
C PHE C 158 -13.57 -28.20 3.65
N LEU C 159 -14.28 -28.71 4.66
CA LEU C 159 -13.88 -29.95 5.30
C LEU C 159 -13.97 -31.13 4.35
N VAL C 160 -15.03 -31.16 3.54
CA VAL C 160 -15.23 -32.24 2.59
C VAL C 160 -14.18 -32.16 1.48
N TYR C 161 -13.95 -30.95 0.97
CA TYR C 161 -12.96 -30.77 -0.08
C TYR C 161 -11.62 -31.33 0.37
N ASP C 162 -11.15 -30.82 1.49
CA ASP C 162 -9.88 -31.24 2.06
C ASP C 162 -9.78 -32.76 1.99
N VAL C 163 -10.78 -33.44 2.54
CA VAL C 163 -10.76 -34.90 2.55
C VAL C 163 -10.66 -35.48 1.13
N LEU C 164 -11.51 -35.01 0.23
CA LEU C 164 -11.51 -35.49 -1.15
C LEU C 164 -10.14 -35.24 -1.78
N ASP C 165 -9.65 -34.01 -1.66
CA ASP C 165 -8.35 -33.64 -2.21
C ASP C 165 -7.25 -34.55 -1.69
N LEU C 166 -7.24 -34.77 -0.38
CA LEU C 166 -6.24 -35.62 0.24
C LEU C 166 -6.25 -37.01 -0.37
N HIS C 167 -7.40 -37.41 -0.89
CA HIS C 167 -7.52 -38.72 -1.49
C HIS C 167 -7.14 -38.82 -2.95
N ARG C 168 -7.35 -37.74 -3.71
CA ARG C 168 -6.97 -37.77 -5.12
C ARG C 168 -5.44 -37.74 -5.13
N ILE C 169 -4.87 -37.22 -4.04
CA ILE C 169 -3.42 -37.15 -3.87
C ILE C 169 -2.89 -38.54 -3.53
N PHE C 170 -3.62 -39.24 -2.66
CA PHE C 170 -3.26 -40.59 -2.23
C PHE C 170 -3.53 -41.61 -3.34
N GLU C 171 -4.72 -41.53 -3.93
CA GLU C 171 -5.13 -42.41 -5.02
C GLU C 171 -5.85 -41.54 -6.04
N PRO C 172 -5.10 -41.00 -7.01
CA PRO C 172 -5.58 -40.11 -8.08
C PRO C 172 -6.85 -40.55 -8.80
N LYS C 173 -6.93 -41.84 -9.14
CA LYS C 173 -8.08 -42.37 -9.86
C LYS C 173 -9.33 -42.53 -9.00
N CYS C 174 -9.17 -42.44 -7.68
CA CYS C 174 -10.29 -42.60 -6.74
C CYS C 174 -11.58 -41.84 -7.05
N LEU C 175 -11.45 -40.62 -7.56
CA LEU C 175 -12.60 -39.79 -7.87
C LEU C 175 -13.23 -39.94 -9.24
N ASP C 176 -12.53 -40.62 -10.15
CA ASP C 176 -13.01 -40.82 -11.51
C ASP C 176 -14.44 -41.35 -11.62
N ALA C 177 -14.79 -42.26 -10.70
CA ALA C 177 -16.10 -42.88 -10.67
C ALA C 177 -17.24 -41.98 -10.17
N PHE C 178 -16.89 -40.79 -9.67
CA PHE C 178 -17.89 -39.87 -9.14
C PHE C 178 -17.76 -38.50 -9.77
N PRO C 179 -18.40 -38.31 -10.92
CA PRO C 179 -18.36 -37.03 -11.65
C PRO C 179 -18.81 -35.83 -10.81
N ASN C 180 -19.89 -35.99 -10.06
CA ASN C 180 -20.41 -34.91 -9.22
C ASN C 180 -19.41 -34.38 -8.17
N LEU C 181 -18.56 -35.29 -7.67
CA LEU C 181 -17.53 -34.92 -6.69
C LEU C 181 -16.43 -34.13 -7.38
N LYS C 182 -16.14 -34.51 -8.61
CA LYS C 182 -15.12 -33.82 -9.38
C LYS C 182 -15.62 -32.41 -9.66
N ASP C 183 -16.89 -32.29 -10.00
CA ASP C 183 -17.47 -30.97 -10.28
C ASP C 183 -17.42 -30.12 -9.03
N PHE C 184 -17.50 -30.78 -7.88
CA PHE C 184 -17.44 -30.11 -6.59
C PHE C 184 -16.05 -29.47 -6.50
N ILE C 185 -15.03 -30.28 -6.67
CA ILE C 185 -13.64 -29.82 -6.61
C ILE C 185 -13.38 -28.66 -7.57
N SER C 186 -13.92 -28.77 -8.78
CA SER C 186 -13.75 -27.72 -9.79
C SER C 186 -14.44 -26.48 -9.31
N ARG C 187 -15.69 -26.64 -8.88
CA ARG C 187 -16.51 -25.56 -8.39
C ARG C 187 -15.86 -24.87 -7.18
N PHE C 188 -15.25 -25.66 -6.30
CA PHE C 188 -14.59 -25.13 -5.11
C PHE C 188 -13.30 -24.40 -5.46
N GLU C 189 -12.37 -25.09 -6.12
CA GLU C 189 -11.11 -24.48 -6.50
C GLU C 189 -11.38 -23.35 -7.50
N GLY C 190 -12.61 -23.28 -7.99
CA GLY C 190 -12.98 -22.25 -8.94
C GLY C 190 -13.44 -20.97 -8.28
N LEU C 191 -13.65 -21.00 -6.98
CA LEU C 191 -14.07 -19.82 -6.25
C LEU C 191 -12.95 -18.80 -6.34
N GLU C 192 -13.31 -17.54 -6.60
CA GLU C 192 -12.32 -16.48 -6.78
C GLU C 192 -11.18 -16.47 -5.76
N LYS C 193 -11.50 -16.19 -4.51
CA LYS C 193 -10.48 -16.13 -3.46
C LYS C 193 -9.76 -17.44 -3.20
N ILE C 194 -10.40 -18.56 -3.51
CA ILE C 194 -9.78 -19.85 -3.32
C ILE C 194 -8.75 -20.06 -4.41
N SER C 195 -9.09 -19.66 -5.63
CA SER C 195 -8.18 -19.80 -6.76
C SER C 195 -6.98 -18.89 -6.50
N ALA C 196 -7.27 -17.62 -6.22
CA ALA C 196 -6.23 -16.63 -5.96
C ALA C 196 -5.23 -17.14 -4.94
N TYR C 197 -5.75 -17.55 -3.79
CA TYR C 197 -4.93 -18.08 -2.71
C TYR C 197 -4.11 -19.32 -3.09
N MET C 198 -4.69 -20.16 -3.94
CA MET C 198 -3.98 -21.36 -4.36
C MET C 198 -2.76 -21.00 -5.20
N LYS C 199 -2.82 -19.81 -5.81
CA LYS C 199 -1.75 -19.32 -6.66
C LYS C 199 -0.77 -18.41 -5.90
N SER C 200 -1.13 -18.02 -4.68
CA SER C 200 -0.26 -17.15 -3.90
C SER C 200 0.89 -17.91 -3.22
N SER C 201 1.77 -17.16 -2.56
CA SER C 201 2.92 -17.73 -1.87
C SER C 201 2.52 -18.37 -0.54
N ARG C 202 1.35 -17.99 -0.04
CA ARG C 202 0.81 -18.49 1.23
C ARG C 202 0.36 -19.96 1.18
N PHE C 203 -0.13 -20.39 0.02
CA PHE C 203 -0.63 -21.76 -0.18
C PHE C 203 0.33 -22.87 0.26
N LEU C 204 -0.09 -23.66 1.24
CA LEU C 204 0.75 -24.75 1.78
C LEU C 204 0.02 -26.10 1.72
N PRO C 205 -0.01 -26.73 0.53
CA PRO C 205 -0.67 -28.03 0.36
C PRO C 205 0.08 -29.20 0.96
N ARG C 206 1.40 -29.04 1.16
CA ARG C 206 2.24 -30.09 1.71
C ARG C 206 3.31 -29.50 2.63
N PRO C 207 3.85 -30.28 3.57
CA PRO C 207 3.56 -31.69 3.88
C PRO C 207 2.14 -31.91 4.37
N VAL C 208 1.56 -33.03 3.96
CA VAL C 208 0.20 -33.37 4.35
C VAL C 208 0.15 -33.61 5.85
N PHE C 209 1.12 -34.39 6.34
CA PHE C 209 1.20 -34.71 7.75
C PHE C 209 2.51 -34.23 8.36
N SER C 210 2.77 -34.66 9.59
CA SER C 210 3.98 -34.28 10.29
C SER C 210 5.13 -35.19 9.86
N LYS C 211 6.31 -34.91 10.40
CA LYS C 211 7.51 -35.70 10.09
C LYS C 211 7.42 -37.13 10.62
N MET C 212 6.58 -37.35 11.64
CA MET C 212 6.39 -38.67 12.23
C MET C 212 5.69 -39.65 11.30
N ALA C 213 5.08 -39.12 10.23
CA ALA C 213 4.34 -39.92 9.27
C ALA C 213 5.19 -40.80 8.34
N VAL C 214 4.58 -41.90 7.89
CA VAL C 214 5.23 -42.83 6.97
C VAL C 214 4.90 -42.38 5.54
N TRP C 215 3.75 -41.71 5.40
CA TRP C 215 3.30 -41.19 4.11
C TRP C 215 2.92 -39.70 4.22
N GLY C 216 3.25 -38.93 3.18
CA GLY C 216 2.93 -37.50 3.16
C GLY C 216 3.63 -36.73 4.26
N ASN C 217 4.74 -37.31 4.73
CA ASN C 217 5.53 -36.72 5.79
C ASN C 217 6.36 -35.55 5.25
N LYS C 218 6.54 -35.52 3.93
CA LYS C 218 7.31 -34.47 3.28
C LYS C 218 6.52 -33.86 2.12
ZN ZN D . 10.13 15.36 8.73
N1 GSH E . 8.60 12.55 0.23
CA1 GSH E . 9.34 11.77 1.21
C1 GSH E . 8.30 10.88 1.91
O11 GSH E . 7.10 11.17 1.95
O12 GSH E . 8.90 9.88 2.37
CB1 GSH E . 10.07 12.73 2.14
CG1 GSH E . 10.80 11.89 3.20
CD1 GSH E . 11.74 12.71 4.06
OE1 GSH E . 12.31 13.74 3.68
N2 GSH E . 11.84 12.18 5.29
CA2 GSH E . 12.67 12.76 6.32
C2 GSH E . 13.89 11.98 6.78
O2 GSH E . 14.42 12.17 7.90
CB2 GSH E . 11.78 12.68 7.55
SG2 GSH E . 10.24 13.62 7.39
N3 GSH E . 14.47 11.14 5.92
CA3 GSH E . 15.68 10.42 6.23
C3 GSH E . 16.95 10.86 5.51
O31 GSH E . 17.89 10.02 5.48
O32 GSH E . 16.90 11.99 4.93
ZN ZN F . 7.60 26.21 -8.80
N1 GSH G . 2.76 20.05 -5.20
CA1 GSH G . 2.21 21.00 -6.17
C1 GSH G . 2.02 20.44 -7.60
O11 GSH G . 2.74 19.56 -8.07
O12 GSH G . 1.01 20.98 -8.12
CB1 GSH G . 3.10 22.27 -6.17
CG1 GSH G . 2.22 23.40 -6.59
CD1 GSH G . 2.92 24.75 -6.50
OE1 GSH G . 3.33 25.24 -5.38
N2 GSH G . 3.07 25.34 -7.69
CA2 GSH G . 3.63 26.68 -7.94
C2 GSH G . 2.60 27.76 -7.98
O2 GSH G . 2.94 28.75 -8.59
CB2 GSH G . 4.64 26.67 -9.14
SG2 GSH G . 5.83 25.39 -8.93
N3 GSH G . 1.45 27.57 -7.33
CA3 GSH G . 0.39 28.61 -7.32
C3 GSH G . -0.06 29.15 -5.95
O31 GSH G . -0.64 30.27 -5.94
O32 GSH G . 0.07 28.34 -4.96
ZN ZN H . -2.47 -34.46 13.58
N1 GSH I . -9.72 -32.93 17.49
CA1 GSH I . -8.55 -32.04 17.67
C1 GSH I . -8.54 -30.76 16.78
O11 GSH I . -8.90 -30.76 15.62
O12 GSH I . -8.17 -29.76 17.46
CB1 GSH I . -7.20 -32.79 17.65
CG1 GSH I . -5.96 -31.93 17.76
CD1 GSH I . -4.68 -32.70 17.58
OE1 GSH I . -4.51 -33.88 17.97
N2 GSH I . -3.75 -31.94 16.98
CA2 GSH I . -2.41 -32.41 16.64
C2 GSH I . -1.32 -32.20 17.68
O2 GSH I . -0.27 -32.83 17.58
CB2 GSH I . -1.98 -32.11 15.18
SG2 GSH I . -3.32 -32.73 14.15
N3 GSH I . -1.57 -31.36 18.75
CA3 GSH I . -0.52 -31.16 19.75
C3 GSH I . -0.94 -31.17 21.23
O31 GSH I . -0.24 -30.45 22.01
O32 GSH I . -2.00 -31.80 21.52
#